data_7YEJ
#
_entry.id   7YEJ
#
_cell.length_a   72.530
_cell.length_b   115.710
_cell.length_c   169.280
_cell.angle_alpha   90.00
_cell.angle_beta   90.00
_cell.angle_gamma   90.00
#
_symmetry.space_group_name_H-M   'P 21 21 21'
#
loop_
_entity.id
_entity.type
_entity.pdbx_description
1 polymer 'Deoxyribodipyrimidine photo-lyase'
2 polymer 'CPD photolesion containing DNA after repair'
3 polymer 'complementary oligonucleotide to the CPD containing DNA'
4 non-polymer 'FLAVIN-ADENINE DINUCLEOTIDE'
5 non-polymer 'SULFATE ION'
6 water water
#
loop_
_entity_poly.entity_id
_entity_poly.type
_entity_poly.pdbx_seq_one_letter_code
_entity_poly.pdbx_strand_id
1 'polypeptide(L)'
;MGSSHHHHHHSSGLVPRGSHMNPKRIRALKSGKQGDGPVVYWMSRDQRAEDNWALLFSRAIAKEANVPVVVVFCLTDEFL
EAGIRQYEFMLKGLQELEVSLSRKKIPSFFLRGDPGEKISRFVKDYNAGTLVTDFSPLRIKNQWIEKVISGISIPFFEVD
AHNVVPCWEASQKHEYAAHTFRPKLYALLPEFLEEFPELEPNSVTPELSAGAGMVETLSDVLETGVKALLPERALLKNKD
PLFEPWHFEPGEKAAKKVMESFIADRLDSYGALRNDPTKNMLSNLSPYLHFGQISSQRVVLEVEKAESNPGSKKAFLDEI
LIWKEISDNFCYYNPGYDGFESFPSWAKESLNAHRNDVRSHIYTLEEFEAGKTHDPLWNASQMELLSTGKMHGYTRMYWA
KKILEWSESPEKALEIAICLNDRYELDGRDPNGYAGIAWSIGGVHDRAWGEREVTGKIRYMSYEGCKRKFDVKLYIEKYS
AL
;
A,B
2 'polydeoxyribonucleotide' (DT)(DC)(DG)(DG)(DC)(DT)(DT)(DC)(DG)(DC)(DG)(DC)(DA) C,E
3 'polydeoxyribonucleotide' (DT)(DG)(DC)(DG)(DC)(DG)(DA)(DA)(DG)(DC)(DC)(DG)(DA)(DT) D,F
#
loop_
_chem_comp.id
_chem_comp.type
_chem_comp.name
_chem_comp.formula
DA DNA linking 2'-DEOXYADENOSINE-5'-MONOPHOSPHATE 'C10 H14 N5 O6 P'
DC DNA linking 2'-DEOXYCYTIDINE-5'-MONOPHOSPHATE 'C9 H14 N3 O7 P'
DG DNA linking 2'-DEOXYGUANOSINE-5'-MONOPHOSPHATE 'C10 H14 N5 O7 P'
DT DNA linking THYMIDINE-5'-MONOPHOSPHATE 'C10 H15 N2 O8 P'
FAD non-polymer 'FLAVIN-ADENINE DINUCLEOTIDE' 'C27 H33 N9 O15 P2'
SO4 non-polymer 'SULFATE ION' 'O4 S -2'
#
# COMPACT_ATOMS: atom_id res chain seq x y z
N PRO A 16 -9.97 -16.16 39.22
CA PRO A 16 -10.46 -17.53 39.05
C PRO A 16 -9.42 -18.58 39.45
N ARG A 17 -9.26 -18.78 40.76
CA ARG A 17 -8.37 -19.79 41.32
C ARG A 17 -6.91 -19.55 40.96
N GLY A 18 -6.03 -20.43 41.43
CA GLY A 18 -4.61 -20.32 41.16
C GLY A 18 -3.84 -19.62 42.26
N SER A 19 -2.67 -20.15 42.60
CA SER A 19 -1.79 -19.56 43.61
C SER A 19 -0.63 -18.79 42.98
N HIS A 20 0.13 -19.43 42.10
CA HIS A 20 1.15 -18.75 41.33
C HIS A 20 0.50 -18.15 40.09
N MET A 21 -0.54 -17.34 40.30
CA MET A 21 -1.45 -16.95 39.22
C MET A 21 -1.81 -15.49 39.41
N ASN A 22 -1.26 -14.61 38.59
CA ASN A 22 -1.59 -13.20 38.66
C ASN A 22 -2.83 -12.91 37.83
N PRO A 23 -3.95 -12.49 38.45
CA PRO A 23 -5.17 -12.24 37.66
C PRO A 23 -5.04 -11.07 36.69
N LYS A 24 -4.07 -10.17 36.89
CA LYS A 24 -3.90 -9.05 35.98
C LYS A 24 -3.43 -9.47 34.60
N ARG A 25 -3.00 -10.72 34.43
CA ARG A 25 -2.62 -11.24 33.13
C ARG A 25 -3.82 -11.61 32.26
N ILE A 26 -5.01 -11.71 32.84
CA ILE A 26 -6.19 -12.17 32.14
C ILE A 26 -7.31 -11.16 32.31
N ARG A 27 -8.05 -10.89 31.23
CA ARG A 27 -9.21 -10.02 31.27
C ARG A 27 -10.35 -10.70 30.54
N ALA A 28 -11.58 -10.34 30.94
CA ALA A 28 -12.78 -10.95 30.39
C ALA A 28 -13.22 -10.20 29.14
N LEU A 29 -13.37 -10.93 28.03
CA LEU A 29 -13.90 -10.36 26.80
C LEU A 29 -15.41 -10.46 26.70
N LYS A 30 -16.02 -11.43 27.37
CA LYS A 30 -17.46 -11.63 27.30
C LYS A 30 -17.90 -12.43 28.52
N SER A 31 -18.92 -11.93 29.22
CA SER A 31 -19.46 -12.60 30.38
C SER A 31 -20.56 -13.58 29.97
N GLY A 32 -20.87 -14.50 30.88
CA GLY A 32 -21.91 -15.48 30.62
C GLY A 32 -21.82 -16.62 31.59
N LYS A 33 -22.70 -17.60 31.38
CA LYS A 33 -22.74 -18.79 32.22
C LYS A 33 -21.72 -19.80 31.73
N GLN A 34 -20.91 -20.32 32.66
CA GLN A 34 -19.88 -21.29 32.29
C GLN A 34 -20.52 -22.64 32.02
N GLY A 35 -20.35 -23.15 30.81
CA GLY A 35 -20.92 -24.43 30.44
C GLY A 35 -20.21 -25.59 31.10
N ASP A 36 -20.83 -26.76 31.01
CA ASP A 36 -20.31 -27.98 31.61
C ASP A 36 -19.36 -28.73 30.69
N GLY A 37 -18.80 -28.07 29.69
CA GLY A 37 -17.90 -28.71 28.76
C GLY A 37 -16.45 -28.39 29.02
N PRO A 38 -15.57 -28.87 28.14
CA PRO A 38 -14.14 -28.63 28.32
C PRO A 38 -13.77 -27.17 28.07
N VAL A 39 -12.70 -26.73 28.71
CA VAL A 39 -12.17 -25.39 28.51
C VAL A 39 -11.30 -25.40 27.26
N VAL A 40 -11.60 -24.49 26.33
CA VAL A 40 -10.95 -24.45 25.03
C VAL A 40 -9.98 -23.27 25.01
N TYR A 41 -8.70 -23.55 24.78
CA TYR A 41 -7.69 -22.51 24.61
C TYR A 41 -7.50 -22.29 23.11
N TRP A 42 -7.94 -21.12 22.64
CA TRP A 42 -7.73 -20.71 21.25
C TRP A 42 -6.32 -20.13 21.14
N MET A 43 -5.41 -20.89 20.56
CA MET A 43 -4.00 -20.51 20.48
C MET A 43 -3.74 -19.83 19.14
N SER A 44 -3.29 -18.57 19.18
CA SER A 44 -2.94 -17.85 17.96
C SER A 44 -1.48 -17.40 17.94
N ARG A 45 -1.03 -16.70 18.98
CA ARG A 45 0.27 -16.02 18.96
C ARG A 45 1.38 -16.81 19.66
N ASP A 46 1.10 -17.38 20.82
CA ASP A 46 2.11 -18.08 21.62
C ASP A 46 1.98 -19.57 21.36
N GLN A 47 2.64 -20.03 20.29
CA GLN A 47 2.58 -21.44 19.89
C GLN A 47 3.66 -22.22 20.64
N ARG A 48 3.39 -22.47 21.91
CA ARG A 48 4.29 -23.25 22.74
C ARG A 48 3.49 -23.88 23.86
N ALA A 49 4.06 -24.93 24.46
CA ALA A 49 3.43 -25.63 25.57
C ALA A 49 3.99 -25.21 26.93
N GLU A 50 5.26 -24.79 26.99
CA GLU A 50 5.88 -24.37 28.23
C GLU A 50 5.94 -22.86 28.31
N ASP A 51 5.98 -22.34 29.54
CA ASP A 51 6.09 -20.91 29.79
C ASP A 51 4.99 -20.13 29.07
N ASN A 52 3.78 -20.66 29.09
CA ASN A 52 2.64 -20.06 28.42
C ASN A 52 1.57 -19.77 29.47
N TRP A 53 1.37 -18.48 29.78
CA TRP A 53 0.34 -18.10 30.75
C TRP A 53 -1.05 -18.48 30.24
N ALA A 54 -1.30 -18.29 28.95
CA ALA A 54 -2.62 -18.60 28.41
C ALA A 54 -2.96 -20.09 28.58
N LEU A 55 -1.99 -20.96 28.30
CA LEU A 55 -2.22 -22.39 28.51
C LEU A 55 -2.33 -22.73 30.00
N LEU A 56 -1.58 -22.06 30.86
CA LEU A 56 -1.68 -22.30 32.28
C LEU A 56 -3.02 -21.83 32.84
N PHE A 57 -3.51 -20.68 32.36
CA PHE A 57 -4.83 -20.22 32.79
C PHE A 57 -5.93 -21.15 32.32
N SER A 58 -5.82 -21.66 31.09
CA SER A 58 -6.79 -22.64 30.61
C SER A 58 -6.76 -23.91 31.43
N ARG A 59 -5.58 -24.32 31.90
CA ARG A 59 -5.47 -25.52 32.73
C ARG A 59 -6.00 -25.27 34.13
N ALA A 60 -5.74 -24.08 34.69
CA ALA A 60 -6.24 -23.76 36.02
C ALA A 60 -7.76 -23.65 36.03
N ILE A 61 -8.34 -23.04 35.00
CA ILE A 61 -9.80 -22.94 34.91
C ILE A 61 -10.41 -24.33 34.80
N ALA A 62 -9.83 -25.18 33.95
CA ALA A 62 -10.35 -26.53 33.77
C ALA A 62 -10.21 -27.37 35.03
N LYS A 63 -9.16 -27.13 35.82
CA LYS A 63 -8.99 -27.87 37.06
C LYS A 63 -10.09 -27.54 38.07
N GLU A 64 -10.50 -26.27 38.12
CA GLU A 64 -11.53 -25.87 39.07
C GLU A 64 -12.90 -26.47 38.73
N ALA A 65 -13.16 -26.70 37.44
CA ALA A 65 -14.45 -27.20 36.99
C ALA A 65 -14.44 -28.70 36.69
N ASN A 66 -13.34 -29.38 36.99
CA ASN A 66 -13.21 -30.84 36.76
C ASN A 66 -13.50 -31.20 35.31
N VAL A 67 -12.95 -30.42 34.39
CA VAL A 67 -13.13 -30.66 32.95
C VAL A 67 -11.75 -30.69 32.30
N PRO A 68 -11.63 -31.37 31.16
CA PRO A 68 -10.36 -31.36 30.44
C PRO A 68 -10.14 -30.05 29.70
N VAL A 69 -8.89 -29.81 29.33
CA VAL A 69 -8.48 -28.64 28.57
C VAL A 69 -8.04 -29.09 27.18
N VAL A 70 -8.44 -28.34 26.16
CA VAL A 70 -8.08 -28.63 24.79
C VAL A 70 -7.54 -27.37 24.14
N VAL A 71 -6.71 -27.54 23.11
CA VAL A 71 -6.08 -26.44 22.39
C VAL A 71 -6.58 -26.47 20.96
N VAL A 72 -6.99 -25.30 20.45
CA VAL A 72 -7.48 -25.17 19.09
C VAL A 72 -6.63 -24.12 18.37
N PHE A 73 -6.10 -24.50 17.20
CA PHE A 73 -5.37 -23.59 16.33
C PHE A 73 -6.12 -23.51 15.01
N CYS A 74 -6.33 -22.30 14.52
CA CYS A 74 -7.04 -22.07 13.26
C CYS A 74 -6.07 -21.56 12.22
N LEU A 75 -5.95 -22.28 11.10
CA LEU A 75 -5.10 -21.87 10.00
C LEU A 75 -5.93 -21.05 9.02
N THR A 76 -5.56 -19.78 8.85
CA THR A 76 -6.28 -18.88 7.98
C THR A 76 -5.60 -18.79 6.61
N ASP A 77 -6.16 -17.96 5.74
CA ASP A 77 -5.59 -17.72 4.42
C ASP A 77 -4.47 -16.69 4.45
N GLU A 78 -4.11 -16.18 5.62
CA GLU A 78 -3.05 -15.18 5.74
C GLU A 78 -1.69 -15.72 5.31
N PHE A 79 -1.52 -17.05 5.24
CA PHE A 79 -0.27 -17.61 4.78
C PHE A 79 -0.04 -17.36 3.29
N LEU A 80 -1.10 -17.05 2.53
CA LEU A 80 -0.94 -16.73 1.12
C LEU A 80 -0.29 -15.37 0.90
N GLU A 81 -0.30 -14.50 1.91
CA GLU A 81 0.32 -13.19 1.80
CA GLU A 81 0.32 -13.19 1.79
C GLU A 81 1.80 -13.21 2.15
N ALA A 82 2.31 -14.33 2.64
CA ALA A 82 3.71 -14.51 3.01
C ALA A 82 4.31 -15.63 2.17
N GLY A 83 5.54 -16.02 2.50
CA GLY A 83 6.26 -17.05 1.77
C GLY A 83 6.25 -18.40 2.48
N ILE A 84 6.88 -19.37 1.82
CA ILE A 84 7.02 -20.71 2.38
C ILE A 84 7.91 -20.69 3.61
N ARG A 85 8.87 -19.75 3.66
CA ARG A 85 9.78 -19.67 4.79
C ARG A 85 9.04 -19.49 6.10
N GLN A 86 7.96 -18.69 6.11
CA GLN A 86 7.16 -18.55 7.31
C GLN A 86 6.22 -19.74 7.51
N TYR A 87 5.67 -20.28 6.43
CA TYR A 87 4.72 -21.37 6.53
C TYR A 87 5.38 -22.64 7.07
N GLU A 88 6.56 -22.99 6.56
CA GLU A 88 7.25 -24.18 7.02
C GLU A 88 7.78 -24.00 8.43
N PHE A 89 8.26 -22.79 8.75
CA PHE A 89 8.75 -22.52 10.10
C PHE A 89 7.65 -22.69 11.13
N MET A 90 6.44 -22.18 10.83
CA MET A 90 5.33 -22.30 11.77
C MET A 90 4.78 -23.72 11.81
N LEU A 91 4.63 -24.36 10.64
CA LEU A 91 4.02 -25.68 10.59
C LEU A 91 4.89 -26.73 11.28
N LYS A 92 6.22 -26.67 11.04
CA LYS A 92 7.11 -27.64 11.68
C LYS A 92 7.09 -27.49 13.20
N GLY A 93 6.98 -26.25 13.70
CA GLY A 93 6.87 -26.06 15.13
C GLY A 93 5.54 -26.52 15.69
N LEU A 94 4.50 -26.51 14.89
CA LEU A 94 3.19 -26.98 15.34
C LEU A 94 3.13 -28.50 15.42
N GLN A 95 3.82 -29.21 14.51
CA GLN A 95 3.91 -30.66 14.62
C GLN A 95 4.62 -31.07 15.89
N GLU A 96 5.71 -30.39 16.22
CA GLU A 96 6.41 -30.66 17.48
C GLU A 96 5.55 -30.30 18.66
N LEU A 97 4.80 -29.19 18.57
CA LEU A 97 3.89 -28.80 19.64
C LEU A 97 2.77 -29.81 19.81
N GLU A 98 2.32 -30.44 18.72
CA GLU A 98 1.27 -31.45 18.81
C GLU A 98 1.72 -32.64 19.65
N VAL A 99 2.96 -33.08 19.47
CA VAL A 99 3.47 -34.21 20.24
C VAL A 99 3.66 -33.82 21.70
N SER A 100 4.18 -32.61 21.95
CA SER A 100 4.40 -32.16 23.32
C SER A 100 3.09 -32.07 24.09
N LEU A 101 2.04 -31.56 23.46
CA LEU A 101 0.74 -31.48 24.12
C LEU A 101 0.15 -32.87 24.35
N SER A 102 0.35 -33.78 23.38
CA SER A 102 -0.18 -35.13 23.53
CA SER A 102 -0.18 -35.13 23.53
C SER A 102 0.48 -35.87 24.69
N ARG A 103 1.75 -35.59 24.97
CA ARG A 103 2.40 -36.21 26.11
C ARG A 103 1.79 -35.78 27.43
N LYS A 104 1.21 -34.59 27.47
CA LYS A 104 0.45 -34.12 28.63
C LYS A 104 -1.03 -34.44 28.52
N LYS A 105 -1.40 -35.34 27.60
CA LYS A 105 -2.79 -35.77 27.40
C LYS A 105 -3.70 -34.60 27.02
N ILE A 106 -3.14 -33.59 26.36
CA ILE A 106 -3.89 -32.42 25.92
C ILE A 106 -4.05 -32.52 24.40
N PRO A 107 -5.26 -32.76 23.89
CA PRO A 107 -5.44 -32.87 22.44
C PRO A 107 -5.53 -31.50 21.78
N SER A 108 -5.03 -31.43 20.55
CA SER A 108 -4.99 -30.20 19.78
C SER A 108 -5.78 -30.40 18.49
N PHE A 109 -6.68 -29.46 18.21
CA PHE A 109 -7.51 -29.49 17.01
C PHE A 109 -7.09 -28.36 16.08
N PHE A 110 -6.80 -28.69 14.83
CA PHE A 110 -6.35 -27.72 13.83
C PHE A 110 -7.48 -27.49 12.83
N LEU A 111 -8.06 -26.29 12.88
CA LEU A 111 -9.12 -25.89 11.97
C LEU A 111 -8.56 -25.00 10.87
N ARG A 112 -9.28 -24.95 9.75
CA ARG A 112 -8.88 -24.16 8.59
C ARG A 112 -10.05 -23.30 8.15
N GLY A 113 -9.82 -22.00 8.03
CA GLY A 113 -10.82 -21.07 7.55
C GLY A 113 -10.87 -19.83 8.41
N ASP A 114 -12.02 -19.17 8.36
CA ASP A 114 -12.21 -17.92 9.11
C ASP A 114 -12.33 -18.23 10.60
N PRO A 115 -11.49 -17.65 11.45
CA PRO A 115 -11.64 -17.88 12.90
C PRO A 115 -12.99 -17.43 13.44
N GLY A 116 -13.58 -16.38 12.88
CA GLY A 116 -14.89 -15.95 13.31
C GLY A 116 -15.99 -16.97 13.03
N GLU A 117 -15.80 -17.84 12.04
CA GLU A 117 -16.78 -18.86 11.71
C GLU A 117 -16.40 -20.24 12.23
N LYS A 118 -15.11 -20.57 12.28
CA LYS A 118 -14.70 -21.91 12.69
C LYS A 118 -14.65 -22.05 14.21
N ILE A 119 -14.18 -21.03 14.91
CA ILE A 119 -14.11 -21.09 16.37
C ILE A 119 -15.51 -21.13 16.97
N SER A 120 -16.42 -20.32 16.45
CA SER A 120 -17.80 -20.33 16.93
C SER A 120 -18.46 -21.67 16.68
N ARG A 121 -18.26 -22.25 15.49
CA ARG A 121 -18.83 -23.55 15.18
C ARG A 121 -18.19 -24.65 16.03
N PHE A 122 -16.90 -24.52 16.35
CA PHE A 122 -16.25 -25.52 17.20
C PHE A 122 -16.80 -25.50 18.61
N VAL A 123 -17.04 -24.29 19.16
CA VAL A 123 -17.53 -24.18 20.53
C VAL A 123 -18.89 -24.84 20.67
N LYS A 124 -19.79 -24.60 19.72
CA LYS A 124 -21.12 -25.20 19.78
C LYS A 124 -21.06 -26.70 19.56
N ASP A 125 -20.26 -27.15 18.59
CA ASP A 125 -20.19 -28.58 18.29
C ASP A 125 -19.51 -29.36 19.40
N TYR A 126 -18.49 -28.78 20.03
CA TYR A 126 -17.77 -29.45 21.11
C TYR A 126 -18.35 -29.16 22.48
N ASN A 127 -19.42 -28.36 22.56
CA ASN A 127 -20.10 -28.03 23.82
C ASN A 127 -19.11 -27.43 24.82
N ALA A 128 -18.33 -26.44 24.36
CA ALA A 128 -17.34 -25.81 25.20
C ALA A 128 -18.00 -25.02 26.34
N GLY A 129 -17.28 -24.88 27.44
CA GLY A 129 -17.78 -24.18 28.60
C GLY A 129 -17.10 -22.85 28.86
N THR A 130 -15.83 -22.75 28.49
CA THR A 130 -15.06 -21.51 28.67
C THR A 130 -14.05 -21.40 27.55
N LEU A 131 -13.95 -20.21 26.96
CA LEU A 131 -13.05 -19.96 25.84
C LEU A 131 -11.93 -19.02 26.29
N VAL A 132 -10.69 -19.40 25.98
CA VAL A 132 -9.51 -18.62 26.36
C VAL A 132 -8.63 -18.44 25.12
N THR A 133 -8.11 -17.25 24.94
CA THR A 133 -7.20 -16.95 23.83
C THR A 133 -6.06 -16.07 24.33
N ASP A 134 -4.95 -16.12 23.60
CA ASP A 134 -3.82 -15.26 23.90
C ASP A 134 -4.02 -13.87 23.27
N PHE A 135 -3.23 -12.92 23.75
CA PHE A 135 -3.39 -11.53 23.34
C PHE A 135 -2.49 -11.19 22.16
N SER A 136 -3.00 -10.32 21.28
CA SER A 136 -2.25 -9.77 20.16
C SER A 136 -2.86 -8.43 19.77
N PRO A 137 -2.05 -7.37 19.69
CA PRO A 137 -2.58 -6.04 19.37
C PRO A 137 -2.84 -5.80 17.89
N LEU A 138 -2.68 -6.81 17.04
CA LEU A 138 -2.90 -6.62 15.62
C LEU A 138 -4.39 -6.43 15.32
N ARG A 139 -4.66 -5.70 14.24
CA ARG A 139 -6.04 -5.37 13.90
CA ARG A 139 -6.04 -5.36 13.88
C ARG A 139 -6.85 -6.61 13.57
N ILE A 140 -6.28 -7.54 12.80
CA ILE A 140 -7.05 -8.71 12.37
C ILE A 140 -7.43 -9.60 13.55
N LYS A 141 -6.65 -9.58 14.63
CA LYS A 141 -7.00 -10.39 15.80
C LYS A 141 -8.25 -9.87 16.48
N ASN A 142 -8.39 -8.54 16.57
CA ASN A 142 -9.59 -7.96 17.19
C ASN A 142 -10.83 -8.19 16.34
N GLN A 143 -10.68 -8.22 15.02
CA GLN A 143 -11.83 -8.49 14.15
C GLN A 143 -12.37 -9.90 14.39
N TRP A 144 -11.48 -10.88 14.54
CA TRP A 144 -11.92 -12.24 14.83
C TRP A 144 -12.59 -12.33 16.19
N ILE A 145 -12.06 -11.61 17.18
CA ILE A 145 -12.60 -11.69 18.55
C ILE A 145 -14.03 -11.16 18.57
N GLU A 146 -14.27 -10.03 17.91
CA GLU A 146 -15.62 -9.46 17.89
C GLU A 146 -16.59 -10.37 17.17
N LYS A 147 -16.12 -11.13 16.17
CA LYS A 147 -16.98 -12.08 15.49
C LYS A 147 -17.29 -13.28 16.38
N VAL A 148 -16.29 -13.76 17.12
CA VAL A 148 -16.51 -14.91 18.00
C VAL A 148 -17.45 -14.54 19.15
N ILE A 149 -17.33 -13.32 19.67
CA ILE A 149 -18.20 -12.87 20.76
C ILE A 149 -19.66 -12.90 20.30
N SER A 150 -19.91 -12.52 19.06
CA SER A 150 -21.27 -12.49 18.53
CA SER A 150 -21.27 -12.49 18.53
C SER A 150 -21.81 -13.89 18.22
N GLY A 151 -20.97 -14.92 18.28
CA GLY A 151 -21.43 -16.26 17.95
C GLY A 151 -21.39 -17.25 19.09
N ILE A 152 -20.91 -16.83 20.27
CA ILE A 152 -20.79 -17.72 21.42
C ILE A 152 -21.61 -17.16 22.57
N SER A 153 -21.95 -18.06 23.50
CA SER A 153 -22.69 -17.69 24.70
C SER A 153 -21.98 -18.11 25.98
N ILE A 154 -20.71 -18.50 25.88
CA ILE A 154 -19.93 -18.95 27.04
C ILE A 154 -18.93 -17.85 27.40
N PRO A 155 -18.37 -17.84 28.61
CA PRO A 155 -17.37 -16.82 28.94
C PRO A 155 -16.18 -16.88 28.01
N PHE A 156 -15.67 -15.70 27.65
CA PHE A 156 -14.54 -15.55 26.74
C PHE A 156 -13.47 -14.73 27.45
N PHE A 157 -12.30 -15.33 27.64
CA PHE A 157 -11.19 -14.71 28.36
C PHE A 157 -10.01 -14.48 27.43
N GLU A 158 -9.21 -13.46 27.74
CA GLU A 158 -8.03 -13.11 26.97
C GLU A 158 -6.84 -13.02 27.91
N VAL A 159 -5.73 -13.67 27.54
CA VAL A 159 -4.53 -13.74 28.37
C VAL A 159 -3.37 -13.15 27.59
N ASP A 160 -2.59 -12.30 28.25
CA ASP A 160 -1.34 -11.78 27.67
C ASP A 160 -0.23 -12.75 28.02
N ALA A 161 0.11 -13.62 27.07
CA ALA A 161 1.18 -14.59 27.26
C ALA A 161 2.45 -14.23 26.50
N HIS A 162 2.49 -13.04 25.91
CA HIS A 162 3.64 -12.61 25.11
C HIS A 162 4.51 -11.58 25.81
N ASN A 163 3.92 -10.71 26.63
CA ASN A 163 4.66 -9.68 27.32
C ASN A 163 4.82 -10.02 28.80
N VAL A 164 5.95 -9.61 29.37
CA VAL A 164 6.19 -9.84 30.80
C VAL A 164 5.17 -9.08 31.63
N VAL A 165 4.90 -7.84 31.26
CA VAL A 165 3.85 -7.03 31.88
C VAL A 165 2.69 -6.94 30.89
N PRO A 166 1.45 -7.21 31.31
CA PRO A 166 0.32 -7.17 30.38
C PRO A 166 0.24 -5.81 29.69
N CYS A 167 -0.09 -5.84 28.39
CA CYS A 167 -0.05 -4.63 27.58
C CYS A 167 -1.03 -3.58 28.09
N TRP A 168 -2.20 -4.02 28.57
CA TRP A 168 -3.17 -3.09 29.14
C TRP A 168 -2.80 -2.65 30.55
N GLU A 169 -1.84 -3.31 31.18
CA GLU A 169 -1.40 -2.96 32.53
C GLU A 169 -0.23 -1.98 32.52
N ALA A 170 0.71 -2.16 31.58
CA ALA A 170 1.91 -1.32 31.57
C ALA A 170 1.56 0.14 31.29
N SER A 171 0.67 0.39 30.33
CA SER A 171 0.29 1.74 29.99
C SER A 171 -1.14 1.74 29.46
N GLN A 172 -1.88 2.80 29.80
CA GLN A 172 -3.26 2.98 29.35
C GLN A 172 -3.35 3.90 28.16
N LYS A 173 -2.22 4.33 27.59
CA LYS A 173 -2.22 5.28 26.49
C LYS A 173 -1.00 5.00 25.61
N HIS A 174 -1.01 5.59 24.42
CA HIS A 174 0.13 5.48 23.53
C HIS A 174 1.33 6.20 24.13
N GLU A 175 2.48 5.53 24.14
CA GLU A 175 3.69 6.07 24.77
C GLU A 175 4.54 6.78 23.71
N TYR A 176 4.87 8.04 23.98
CA TYR A 176 5.60 8.84 23.00
C TYR A 176 7.02 8.32 22.78
N ALA A 177 7.74 8.01 23.86
CA ALA A 177 9.12 7.57 23.77
C ALA A 177 9.39 6.52 24.83
N ALA A 178 10.55 5.86 24.71
CA ALA A 178 10.93 4.83 25.68
C ALA A 178 11.17 5.42 27.06
N HIS A 179 11.84 6.59 27.12
CA HIS A 179 12.19 7.16 28.41
C HIS A 179 10.97 7.53 29.24
N THR A 180 9.79 7.60 28.62
CA THR A 180 8.55 7.74 29.35
C THR A 180 7.95 6.39 29.71
N PHE A 181 8.09 5.40 28.83
CA PHE A 181 7.60 4.05 29.07
C PHE A 181 8.55 3.20 29.91
N ARG A 182 9.84 3.54 29.91
CA ARG A 182 10.82 2.76 30.67
C ARG A 182 10.54 2.74 32.16
N PRO A 183 10.30 3.86 32.85
CA PRO A 183 10.01 3.78 34.29
C PRO A 183 8.74 3.00 34.61
N LYS A 184 7.75 3.03 33.72
CA LYS A 184 6.51 2.31 33.97
C LYS A 184 6.70 0.80 33.88
N LEU A 185 7.60 0.34 33.01
CA LEU A 185 7.82 -1.10 32.87
C LEU A 185 8.63 -1.65 34.03
N TYR A 186 9.76 -1.03 34.35
CA TYR A 186 10.64 -1.55 35.39
C TYR A 186 10.02 -1.46 36.78
N ALA A 187 9.10 -0.51 36.98
CA ALA A 187 8.40 -0.42 38.26
C ALA A 187 7.46 -1.60 38.49
N LEU A 188 7.03 -2.27 37.43
CA LEU A 188 6.14 -3.41 37.53
C LEU A 188 6.87 -4.75 37.41
N LEU A 189 8.18 -4.73 37.15
CA LEU A 189 8.94 -5.97 37.02
C LEU A 189 8.92 -6.82 38.29
N PRO A 190 9.12 -6.28 39.50
CA PRO A 190 9.11 -7.15 40.69
C PRO A 190 7.78 -7.85 40.92
N GLU A 191 6.70 -7.40 40.29
CA GLU A 191 5.41 -8.07 40.42
C GLU A 191 5.15 -9.08 39.32
N PHE A 192 5.45 -8.74 38.06
CA PHE A 192 5.09 -9.59 36.93
C PHE A 192 6.22 -10.49 36.46
N LEU A 193 7.45 -10.31 36.95
CA LEU A 193 8.55 -11.19 36.61
C LEU A 193 8.59 -12.32 37.63
N GLU A 194 8.26 -13.54 37.19
CA GLU A 194 8.17 -14.68 38.07
C GLU A 194 8.40 -15.95 37.28
N GLU A 195 8.71 -17.03 38.00
CA GLU A 195 8.92 -18.32 37.37
CA GLU A 195 8.92 -18.32 37.37
C GLU A 195 7.59 -18.91 36.90
N PHE A 196 7.66 -19.73 35.86
CA PHE A 196 6.42 -20.33 35.38
C PHE A 196 6.13 -21.63 36.13
N PRO A 197 4.88 -21.85 36.52
CA PRO A 197 4.52 -23.17 37.06
C PRO A 197 4.46 -24.21 35.95
N GLU A 198 4.69 -25.47 36.33
CA GLU A 198 4.68 -26.55 35.37
C GLU A 198 3.27 -26.81 34.86
N LEU A 199 3.16 -27.07 33.55
CA LEU A 199 1.86 -27.37 32.95
C LEU A 199 1.39 -28.74 33.40
N GLU A 200 0.36 -28.77 34.23
CA GLU A 200 -0.17 -30.04 34.71
C GLU A 200 -0.92 -30.76 33.59
N PRO A 201 -0.70 -32.05 33.42
CA PRO A 201 -1.43 -32.81 32.40
C PRO A 201 -2.90 -32.96 32.75
N ASN A 202 -3.67 -33.44 31.78
CA ASN A 202 -5.10 -33.60 31.95
C ASN A 202 -5.43 -34.90 32.68
N SER A 203 -6.59 -34.91 33.35
CA SER A 203 -7.12 -36.11 33.96
C SER A 203 -8.13 -36.82 33.06
N VAL A 204 -9.05 -36.05 32.47
CA VAL A 204 -10.02 -36.55 31.49
C VAL A 204 -9.46 -36.33 30.10
N THR A 205 -9.57 -37.34 29.26
CA THR A 205 -9.02 -37.24 27.91
C THR A 205 -9.97 -36.53 26.95
N PRO A 206 -11.25 -36.94 26.86
CA PRO A 206 -12.02 -36.34 25.77
C PRO A 206 -12.54 -34.96 26.16
N GLU A 216 -7.58 -31.58 11.60
CA GLU A 216 -7.07 -32.06 10.32
C GLU A 216 -5.61 -32.46 10.45
N THR A 217 -5.15 -33.32 9.54
CA THR A 217 -3.77 -33.78 9.55
C THR A 217 -2.85 -32.63 9.13
N LEU A 218 -1.90 -32.27 9.99
CA LEU A 218 -1.00 -31.17 9.69
C LEU A 218 -0.11 -31.47 8.49
N SER A 219 0.18 -32.74 8.25
CA SER A 219 1.00 -33.11 7.09
C SER A 219 0.31 -32.73 5.80
N ASP A 220 -1.02 -32.89 5.74
CA ASP A 220 -1.75 -32.55 4.53
C ASP A 220 -1.85 -31.04 4.35
N VAL A 221 -1.99 -30.29 5.44
CA VAL A 221 -2.03 -28.84 5.34
C VAL A 221 -0.68 -28.29 4.92
N LEU A 222 0.41 -28.91 5.39
CA LEU A 222 1.74 -28.48 4.98
C LEU A 222 1.96 -28.70 3.49
N GLU A 223 1.54 -29.86 2.97
CA GLU A 223 1.70 -30.14 1.56
C GLU A 223 0.81 -29.25 0.70
N THR A 224 -0.44 -29.05 1.12
CA THR A 224 -1.35 -28.20 0.35
C THR A 224 -0.87 -26.75 0.33
N GLY A 225 -0.38 -26.26 1.47
CA GLY A 225 0.11 -24.89 1.52
C GLY A 225 1.34 -24.65 0.67
N VAL A 226 2.27 -25.61 0.67
CA VAL A 226 3.51 -25.46 -0.10
C VAL A 226 3.20 -25.36 -1.58
N LYS A 227 2.32 -26.24 -2.08
CA LYS A 227 1.97 -26.21 -3.50
C LYS A 227 1.25 -24.92 -3.86
N ALA A 228 0.56 -24.30 -2.92
CA ALA A 228 -0.12 -23.03 -3.20
C ALA A 228 0.88 -21.89 -3.33
N LEU A 229 1.91 -21.88 -2.49
CA LEU A 229 2.88 -20.80 -2.46
C LEU A 229 4.09 -21.04 -3.36
N LEU A 230 4.17 -22.21 -4.01
CA LEU A 230 5.33 -22.52 -4.84
C LEU A 230 5.55 -21.53 -5.97
N PRO A 231 4.52 -21.13 -6.75
CA PRO A 231 4.79 -20.16 -7.84
C PRO A 231 5.32 -18.82 -7.36
N GLU A 232 5.03 -18.41 -6.13
CA GLU A 232 5.46 -17.13 -5.60
C GLU A 232 6.80 -17.20 -4.89
N ARG A 233 7.52 -18.30 -5.02
CA ARG A 233 8.81 -18.46 -4.36
C ARG A 233 9.83 -17.50 -4.93
N ALA A 234 10.75 -17.04 -4.07
CA ALA A 234 11.84 -16.18 -4.48
C ALA A 234 12.92 -17.04 -5.10
N LEU A 235 13.15 -16.88 -6.40
CA LEU A 235 14.07 -17.70 -7.16
C LEU A 235 15.22 -16.86 -7.70
N LEU A 236 16.33 -17.53 -8.01
CA LEU A 236 17.50 -16.90 -8.59
C LEU A 236 17.40 -16.95 -10.11
N LYS A 237 18.50 -16.60 -10.80
CA LYS A 237 18.49 -16.63 -12.27
C LYS A 237 18.30 -18.04 -12.79
N ASN A 238 18.94 -19.03 -12.17
CA ASN A 238 18.86 -20.42 -12.57
C ASN A 238 17.68 -21.15 -11.93
N LYS A 239 16.64 -20.40 -11.52
CA LYS A 239 15.44 -20.94 -10.90
C LYS A 239 15.73 -21.64 -9.58
N ASP A 240 16.83 -21.30 -8.93
CA ASP A 240 17.10 -21.90 -7.62
C ASP A 240 16.53 -21.03 -6.51
N PRO A 241 15.93 -21.64 -5.49
CA PRO A 241 15.37 -20.85 -4.39
C PRO A 241 16.44 -20.05 -3.66
N LEU A 242 16.06 -18.85 -3.24
CA LEU A 242 16.99 -17.98 -2.52
C LEU A 242 17.05 -18.31 -1.03
N PHE A 243 15.95 -18.80 -0.46
CA PHE A 243 15.89 -19.01 0.98
C PHE A 243 16.73 -20.20 1.40
N GLU A 244 17.49 -20.02 2.49
CA GLU A 244 18.29 -21.08 3.08
C GLU A 244 17.65 -21.48 4.41
N PRO A 245 17.01 -22.64 4.48
CA PRO A 245 16.24 -23.00 5.69
C PRO A 245 17.05 -23.63 6.83
N TRP A 246 18.36 -23.78 6.68
CA TRP A 246 19.16 -24.45 7.71
C TRP A 246 19.66 -23.50 8.79
N HIS A 247 19.44 -22.20 8.64
CA HIS A 247 19.97 -21.25 9.62
C HIS A 247 19.20 -21.26 10.92
N PHE A 248 17.88 -21.46 10.87
CA PHE A 248 17.04 -21.46 12.07
C PHE A 248 16.15 -22.69 12.05
N GLU A 249 16.43 -23.64 12.95
CA GLU A 249 15.58 -24.81 13.09
C GLU A 249 14.34 -24.44 13.90
N PRO A 250 13.14 -24.64 13.37
CA PRO A 250 11.94 -24.25 14.12
C PRO A 250 11.60 -25.25 15.22
N GLY A 251 10.92 -24.74 16.25
CA GLY A 251 10.45 -25.59 17.32
C GLY A 251 10.68 -25.03 18.70
N GLU A 252 9.90 -25.50 19.67
CA GLU A 252 10.08 -25.10 21.05
C GLU A 252 11.42 -25.57 21.61
N LYS A 253 11.81 -26.81 21.28
CA LYS A 253 13.09 -27.32 21.75
C LYS A 253 14.26 -26.56 21.15
N ALA A 254 14.20 -26.29 19.84
CA ALA A 254 15.29 -25.57 19.17
C ALA A 254 15.39 -24.13 19.66
N ALA A 255 14.26 -23.52 20.03
CA ALA A 255 14.29 -22.17 20.58
C ALA A 255 15.05 -22.14 21.89
N LYS A 256 14.88 -23.16 22.72
CA LYS A 256 15.62 -23.23 23.98
C LYS A 256 17.12 -23.34 23.74
N LYS A 257 17.51 -24.12 22.73
CA LYS A 257 18.93 -24.26 22.42
C LYS A 257 19.54 -22.93 21.99
N VAL A 258 18.81 -22.16 21.17
CA VAL A 258 19.30 -20.85 20.76
C VAL A 258 19.44 -19.92 21.95
N MET A 259 18.46 -19.94 22.87
CA MET A 259 18.55 -19.12 24.07
C MET A 259 19.75 -19.50 24.92
N GLU A 260 20.01 -20.80 25.08
CA GLU A 260 21.14 -21.24 25.88
C GLU A 260 22.47 -20.80 25.27
N SER A 261 22.61 -20.93 23.95
CA SER A 261 23.85 -20.56 23.30
C SER A 261 24.10 -19.06 23.35
N PHE A 262 23.03 -18.25 23.32
CA PHE A 262 23.20 -16.81 23.41
C PHE A 262 23.76 -16.40 24.76
N ILE A 263 23.21 -16.98 25.84
CA ILE A 263 23.65 -16.61 27.19
C ILE A 263 25.09 -17.06 27.43
N ALA A 264 25.42 -18.29 27.01
CA ALA A 264 26.74 -18.83 27.29
C ALA A 264 27.80 -18.19 26.40
N ASP A 265 27.49 -17.97 25.13
CA ASP A 265 28.50 -17.58 24.15
C ASP A 265 28.40 -16.14 23.67
N ARG A 266 27.20 -15.57 23.57
CA ARG A 266 27.03 -14.27 22.93
C ARG A 266 26.59 -13.15 23.85
N LEU A 267 26.00 -13.45 25.01
CA LEU A 267 25.49 -12.39 25.86
C LEU A 267 26.60 -11.47 26.36
N ASP A 268 27.82 -12.00 26.54
CA ASP A 268 28.91 -11.20 27.09
C ASP A 268 29.26 -10.03 26.18
N SER A 269 29.49 -10.30 24.90
CA SER A 269 29.89 -9.27 23.95
C SER A 269 28.72 -8.73 23.15
N TYR A 270 27.49 -8.94 23.62
CA TYR A 270 26.33 -8.36 22.95
C TYR A 270 26.38 -6.83 23.00
N GLY A 271 26.78 -6.26 24.13
CA GLY A 271 26.72 -4.81 24.29
C GLY A 271 27.62 -4.08 23.31
N ALA A 272 28.77 -4.65 22.99
CA ALA A 272 29.75 -3.98 22.14
C ALA A 272 29.53 -4.25 20.65
N LEU A 273 29.08 -5.44 20.28
CA LEU A 273 29.06 -5.88 18.89
C LEU A 273 27.66 -6.07 18.33
N ARG A 274 26.62 -5.61 19.03
CA ARG A 274 25.26 -5.81 18.54
C ARG A 274 24.99 -5.01 17.27
N ASN A 275 25.70 -3.91 17.05
CA ASN A 275 25.52 -3.09 15.87
C ASN A 275 26.54 -3.39 14.77
N ASP A 276 27.23 -4.53 14.87
CA ASP A 276 28.16 -4.96 13.84
C ASP A 276 27.55 -6.14 13.09
N PRO A 277 26.99 -5.92 11.90
CA PRO A 277 26.38 -7.04 11.16
C PRO A 277 27.37 -8.11 10.71
N THR A 278 28.66 -7.78 10.64
CA THR A 278 29.66 -8.77 10.27
C THR A 278 29.86 -9.83 11.35
N LYS A 279 29.43 -9.55 12.58
CA LYS A 279 29.56 -10.48 13.69
C LYS A 279 28.19 -11.03 14.08
N ASN A 280 28.07 -12.35 14.10
CA ASN A 280 26.84 -13.01 14.56
C ASN A 280 26.85 -12.93 16.08
N MET A 281 26.41 -11.79 16.59
CA MET A 281 26.41 -11.54 18.03
C MET A 281 25.01 -11.26 18.56
N LEU A 282 23.99 -11.41 17.74
CA LEU A 282 22.61 -11.24 18.18
C LEU A 282 22.09 -12.54 18.82
N SER A 283 20.93 -12.43 19.47
CA SER A 283 20.34 -13.60 20.10
C SER A 283 19.69 -14.54 19.10
N ASN A 284 19.29 -14.02 17.93
CA ASN A 284 18.62 -14.81 16.89
C ASN A 284 17.31 -15.41 17.39
N LEU A 285 16.66 -14.76 18.35
CA LEU A 285 15.45 -15.27 18.97
C LEU A 285 14.18 -14.74 18.34
N SER A 286 14.26 -13.72 17.49
CA SER A 286 13.06 -13.10 16.93
C SER A 286 12.14 -14.07 16.18
N PRO A 287 12.63 -14.99 15.34
CA PRO A 287 11.68 -15.93 14.70
C PRO A 287 10.88 -16.75 15.71
N TYR A 288 11.54 -17.26 16.74
CA TYR A 288 10.84 -18.01 17.78
C TYR A 288 9.97 -17.11 18.62
N LEU A 289 10.44 -15.89 18.90
CA LEU A 289 9.64 -14.94 19.69
C LEU A 289 8.38 -14.54 18.96
N HIS A 290 8.46 -14.31 17.64
CA HIS A 290 7.29 -13.86 16.89
C HIS A 290 6.21 -14.94 16.87
N PHE A 291 6.59 -16.18 16.60
CA PHE A 291 5.64 -17.28 16.57
C PHE A 291 5.32 -17.81 17.96
N GLY A 292 5.90 -17.23 19.00
CA GLY A 292 5.60 -17.66 20.36
C GLY A 292 6.17 -19.00 20.73
N GLN A 293 7.17 -19.48 19.99
CA GLN A 293 7.79 -20.75 20.31
C GLN A 293 8.70 -20.67 21.53
N ILE A 294 8.98 -19.47 22.02
CA ILE A 294 9.69 -19.27 23.28
C ILE A 294 9.15 -18.01 23.94
N SER A 295 9.03 -18.05 25.26
CA SER A 295 8.47 -16.94 26.02
C SER A 295 9.56 -15.92 26.33
N SER A 296 9.30 -14.66 26.01
CA SER A 296 10.25 -13.60 26.34
C SER A 296 10.46 -13.49 27.84
N GLN A 297 9.44 -13.83 28.63
CA GLN A 297 9.60 -13.83 30.08
C GLN A 297 10.62 -14.86 30.53
N ARG A 298 10.62 -16.03 29.89
CA ARG A 298 11.62 -17.06 30.20
C ARG A 298 13.02 -16.57 29.89
N VAL A 299 13.21 -15.90 28.74
CA VAL A 299 14.52 -15.39 28.37
C VAL A 299 14.99 -14.34 29.37
N VAL A 300 14.09 -13.42 29.76
CA VAL A 300 14.45 -12.42 30.76
C VAL A 300 14.78 -13.08 32.09
N LEU A 301 14.05 -14.14 32.45
CA LEU A 301 14.37 -14.87 33.67
C LEU A 301 15.79 -15.41 33.64
N GLU A 302 16.19 -16.00 32.50
CA GLU A 302 17.52 -16.58 32.40
C GLU A 302 18.60 -15.51 32.24
N VAL A 303 18.28 -14.39 31.59
CA VAL A 303 19.26 -13.32 31.44
C VAL A 303 19.52 -12.63 32.78
N GLU A 304 18.46 -12.39 33.56
CA GLU A 304 18.63 -11.73 34.84
C GLU A 304 19.53 -12.54 35.78
N LYS A 305 19.42 -13.87 35.72
CA LYS A 305 20.22 -14.72 36.58
C LYS A 305 21.65 -14.92 36.07
N ALA A 306 21.89 -14.69 34.79
CA ALA A 306 23.22 -14.91 34.23
C ALA A 306 24.21 -13.89 34.77
N GLU A 307 25.43 -14.37 35.05
CA GLU A 307 26.53 -13.50 35.48
C GLU A 307 27.35 -13.13 34.26
N SER A 308 26.98 -12.02 33.63
CA SER A 308 27.63 -11.57 32.41
C SER A 308 27.98 -10.10 32.49
N ASN A 309 28.37 -9.50 31.37
CA ASN A 309 28.73 -8.10 31.34
C ASN A 309 27.52 -7.24 31.73
N PRO A 310 27.63 -6.40 32.76
CA PRO A 310 26.47 -5.58 33.16
C PRO A 310 25.97 -4.67 32.05
N GLY A 311 26.88 -4.11 31.26
CA GLY A 311 26.45 -3.28 30.14
C GLY A 311 25.72 -4.05 29.08
N SER A 312 26.14 -5.29 28.83
CA SER A 312 25.48 -6.12 27.83
C SER A 312 24.09 -6.54 28.28
N LYS A 313 23.94 -6.88 29.56
CA LYS A 313 22.62 -7.26 30.07
C LYS A 313 21.64 -6.10 29.98
N LYS A 314 22.09 -4.90 30.34
CA LYS A 314 21.21 -3.73 30.24
C LYS A 314 20.83 -3.45 28.80
N ALA A 315 21.78 -3.58 27.88
CA ALA A 315 21.49 -3.34 26.47
C ALA A 315 20.50 -4.37 25.92
N PHE A 316 20.68 -5.65 26.29
CA PHE A 316 19.78 -6.67 25.78
C PHE A 316 18.41 -6.61 26.44
N LEU A 317 18.37 -6.39 27.76
CA LEU A 317 17.09 -6.30 28.45
C LEU A 317 16.27 -5.12 27.94
N ASP A 318 16.94 -4.02 27.58
CA ASP A 318 16.23 -2.88 27.00
C ASP A 318 15.54 -3.25 25.69
N GLU A 319 16.11 -4.19 24.94
CA GLU A 319 15.53 -4.58 23.66
C GLU A 319 14.35 -5.52 23.85
N ILE A 320 14.51 -6.55 24.67
CA ILE A 320 13.48 -7.57 24.80
C ILE A 320 12.37 -7.16 25.77
N LEU A 321 12.58 -6.15 26.60
CA LEU A 321 11.56 -5.67 27.53
C LEU A 321 10.96 -4.34 27.08
N ILE A 322 11.78 -3.31 26.92
CA ILE A 322 11.25 -1.97 26.65
C ILE A 322 10.77 -1.87 25.20
N TRP A 323 11.67 -2.11 24.25
CA TRP A 323 11.33 -1.87 22.85
C TRP A 323 10.38 -2.93 22.30
N LYS A 324 10.49 -4.17 22.76
CA LYS A 324 9.57 -5.21 22.31
C LYS A 324 8.16 -4.94 22.79
N GLU A 325 7.99 -4.61 24.07
CA GLU A 325 6.66 -4.42 24.64
C GLU A 325 6.11 -3.02 24.39
N ILE A 326 6.95 -2.04 24.07
CA ILE A 326 6.44 -0.76 23.59
C ILE A 326 5.91 -0.88 22.17
N SER A 327 6.38 -1.88 21.41
CA SER A 327 5.81 -2.14 20.09
C SER A 327 4.37 -2.62 20.21
N ASP A 328 4.08 -3.46 21.20
CA ASP A 328 2.70 -3.84 21.47
C ASP A 328 1.88 -2.64 21.90
N ASN A 329 2.46 -1.78 22.75
CA ASN A 329 1.75 -0.57 23.18
C ASN A 329 1.44 0.33 22.01
N PHE A 330 2.39 0.47 21.07
CA PHE A 330 2.14 1.26 19.88
C PHE A 330 0.98 0.70 19.06
N CYS A 331 1.02 -0.59 18.76
CA CYS A 331 -0.03 -1.19 17.94
C CYS A 331 -1.36 -1.26 18.67
N TYR A 332 -1.34 -1.42 19.99
CA TYR A 332 -2.59 -1.61 20.72
C TYR A 332 -3.38 -0.32 20.83
N TYR A 333 -2.71 0.82 20.92
CA TYR A 333 -3.38 2.11 21.06
C TYR A 333 -3.37 2.94 19.79
N ASN A 334 -2.76 2.44 18.72
CA ASN A 334 -2.76 3.11 17.42
C ASN A 334 -3.25 2.09 16.39
N PRO A 335 -4.56 2.05 16.14
CA PRO A 335 -5.08 1.09 15.13
C PRO A 335 -4.55 1.33 13.73
N GLY A 336 -4.08 2.54 13.44
CA GLY A 336 -3.45 2.82 12.15
C GLY A 336 -1.94 2.76 12.25
N TYR A 337 -1.42 1.77 12.98
CA TYR A 337 0.02 1.66 13.21
C TYR A 337 0.81 1.50 11.92
N ASP A 338 0.19 0.99 10.86
CA ASP A 338 0.85 0.80 9.58
C ASP A 338 0.55 1.94 8.59
N GLY A 339 0.03 3.06 9.08
CA GLY A 339 -0.33 4.16 8.21
C GLY A 339 0.41 5.45 8.52
N PHE A 340 0.45 6.35 7.54
CA PHE A 340 1.11 7.64 7.71
C PHE A 340 0.48 8.47 8.82
N GLU A 341 -0.79 8.21 9.15
CA GLU A 341 -1.46 8.99 10.19
C GLU A 341 -0.86 8.76 11.57
N SER A 342 -0.31 7.57 11.81
CA SER A 342 0.24 7.24 13.12
C SER A 342 1.54 7.98 13.42
N PHE A 343 2.14 8.63 12.43
CA PHE A 343 3.37 9.35 12.67
C PHE A 343 3.11 10.57 13.55
N PRO A 344 4.11 10.98 14.34
CA PRO A 344 3.93 12.18 15.17
C PRO A 344 3.75 13.43 14.31
N SER A 345 3.13 14.44 14.94
CA SER A 345 2.74 15.64 14.21
C SER A 345 3.93 16.34 13.57
N TRP A 346 5.05 16.44 14.31
CA TRP A 346 6.22 17.09 13.76
C TRP A 346 6.75 16.35 12.54
N ALA A 347 6.69 15.01 12.56
CA ALA A 347 7.19 14.22 11.45
C ALA A 347 6.29 14.35 10.23
N LYS A 348 4.97 14.37 10.43
CA LYS A 348 4.05 14.51 9.32
C LYS A 348 4.19 15.86 8.64
N GLU A 349 4.33 16.93 9.42
CA GLU A 349 4.51 18.26 8.84
C GLU A 349 5.82 18.35 8.07
N SER A 350 6.88 17.73 8.61
CA SER A 350 8.17 17.74 7.92
C SER A 350 8.12 16.96 6.61
N LEU A 351 7.58 15.74 6.65
CA LEU A 351 7.51 14.91 5.45
C LEU A 351 6.58 15.52 4.39
N ASN A 352 5.49 16.16 4.83
CA ASN A 352 4.58 16.79 3.87
C ASN A 352 5.26 17.95 3.14
N ALA A 353 6.10 18.71 3.84
CA ALA A 353 6.74 19.86 3.22
C ALA A 353 7.76 19.44 2.16
N HIS A 354 8.34 18.25 2.29
CA HIS A 354 9.36 17.78 1.37
C HIS A 354 8.82 16.81 0.32
N ARG A 355 7.49 16.76 0.15
CA ARG A 355 6.91 15.86 -0.83
C ARG A 355 7.33 16.23 -2.25
N ASN A 356 7.57 17.51 -2.50
CA ASN A 356 7.94 17.98 -3.83
C ASN A 356 9.44 18.01 -4.07
N ASP A 357 10.25 17.65 -3.06
CA ASP A 357 11.69 17.62 -3.25
C ASP A 357 12.08 16.54 -4.25
N VAL A 358 12.99 16.89 -5.16
CA VAL A 358 13.45 15.93 -6.16
C VAL A 358 14.30 14.87 -5.48
N ARG A 359 13.98 13.61 -5.72
CA ARG A 359 14.72 12.50 -5.16
C ARG A 359 15.91 12.16 -6.06
N SER A 360 17.03 11.82 -5.44
CA SER A 360 18.21 11.44 -6.21
C SER A 360 17.95 10.19 -7.03
N HIS A 361 17.18 9.25 -6.48
CA HIS A 361 16.81 8.03 -7.18
C HIS A 361 15.37 7.67 -6.85
N ILE A 362 14.70 7.05 -7.82
CA ILE A 362 13.35 6.52 -7.65
C ILE A 362 13.37 5.05 -8.04
N TYR A 363 13.02 4.18 -7.09
CA TYR A 363 12.94 2.75 -7.33
C TYR A 363 11.54 2.25 -7.05
N THR A 364 11.10 1.28 -7.85
CA THR A 364 9.80 0.66 -7.65
C THR A 364 9.92 -0.47 -6.63
N LEU A 365 8.78 -1.12 -6.35
CA LEU A 365 8.80 -2.26 -5.43
C LEU A 365 9.61 -3.40 -6.00
N GLU A 366 9.51 -3.65 -7.31
CA GLU A 366 10.23 -4.74 -7.93
C GLU A 366 11.74 -4.54 -7.85
N GLU A 367 12.21 -3.30 -8.04
CA GLU A 367 13.64 -3.04 -7.97
C GLU A 367 14.18 -3.09 -6.55
N PHE A 368 13.39 -2.61 -5.57
CA PHE A 368 13.77 -2.76 -4.18
C PHE A 368 13.82 -4.23 -3.78
N GLU A 369 12.84 -5.01 -4.23
CA GLU A 369 12.72 -6.41 -3.82
C GLU A 369 13.86 -7.27 -4.36
N ALA A 370 14.35 -6.95 -5.56
CA ALA A 370 15.42 -7.73 -6.19
C ALA A 370 16.80 -7.22 -5.85
N GLY A 371 16.92 -6.18 -5.02
CA GLY A 371 18.22 -5.64 -4.67
C GLY A 371 18.94 -5.02 -5.85
N LYS A 372 18.25 -4.15 -6.59
CA LYS A 372 18.78 -3.59 -7.82
C LYS A 372 18.95 -2.08 -7.71
N THR A 373 19.50 -1.61 -6.59
CA THR A 373 19.76 -0.20 -6.38
C THR A 373 21.23 0.12 -6.59
N HIS A 374 21.53 1.41 -6.64
CA HIS A 374 22.91 1.88 -6.79
C HIS A 374 23.73 1.68 -5.53
N ASP A 375 23.10 1.39 -4.39
CA ASP A 375 23.81 1.22 -3.14
C ASP A 375 24.16 -0.26 -2.96
N PRO A 376 25.44 -0.63 -3.02
CA PRO A 376 25.80 -2.03 -2.70
C PRO A 376 25.45 -2.44 -1.28
N LEU A 377 25.55 -1.51 -0.33
CA LEU A 377 25.22 -1.84 1.06
C LEU A 377 23.74 -2.17 1.21
N TRP A 378 22.86 -1.36 0.60
CA TRP A 378 21.43 -1.65 0.67
C TRP A 378 21.10 -2.96 -0.03
N ASN A 379 21.72 -3.22 -1.18
CA ASN A 379 21.50 -4.48 -1.89
C ASN A 379 21.95 -5.67 -1.06
N ALA A 380 23.09 -5.54 -0.38
CA ALA A 380 23.57 -6.61 0.48
C ALA A 380 22.59 -6.85 1.65
N SER A 381 22.02 -5.78 2.18
CA SER A 381 21.02 -5.92 3.24
C SER A 381 19.80 -6.67 2.74
N GLN A 382 19.33 -6.35 1.53
CA GLN A 382 18.19 -7.07 0.96
C GLN A 382 18.54 -8.52 0.66
N MET A 383 19.79 -8.77 0.23
CA MET A 383 20.22 -10.14 -0.05
C MET A 383 20.17 -10.99 1.22
N GLU A 384 20.61 -10.44 2.34
CA GLU A 384 20.52 -11.16 3.61
C GLU A 384 19.08 -11.47 3.97
N LEU A 385 18.17 -10.51 3.71
CA LEU A 385 16.76 -10.73 3.96
C LEU A 385 16.20 -11.87 3.10
N LEU A 386 16.56 -11.88 1.81
CA LEU A 386 16.00 -12.88 0.90
C LEU A 386 16.57 -14.27 1.20
N SER A 387 17.86 -14.35 1.55
CA SER A 387 18.53 -15.63 1.65
C SER A 387 18.41 -16.27 3.03
N THR A 388 18.40 -15.48 4.11
CA THR A 388 18.34 -16.02 5.45
C THR A 388 17.02 -15.74 6.16
N GLY A 389 16.20 -14.83 5.66
CA GLY A 389 14.95 -14.51 6.30
C GLY A 389 15.08 -13.70 7.57
N LYS A 390 16.28 -13.22 7.89
CA LYS A 390 16.49 -12.40 9.09
C LYS A 390 17.62 -11.42 8.79
N MET A 391 17.25 -10.21 8.40
CA MET A 391 18.25 -9.17 8.19
C MET A 391 18.72 -8.63 9.54
N HIS A 392 20.00 -8.25 9.59
CA HIS A 392 20.61 -7.83 10.85
C HIS A 392 19.90 -6.58 11.38
N GLY A 393 19.91 -6.45 12.72
CA GLY A 393 19.15 -5.39 13.35
C GLY A 393 19.60 -3.99 12.95
N TYR A 394 20.92 -3.77 12.87
CA TYR A 394 21.42 -2.45 12.52
C TYR A 394 21.10 -2.12 11.06
N THR A 395 21.32 -3.06 10.15
CA THR A 395 21.09 -2.81 8.74
C THR A 395 19.61 -2.60 8.42
N ARG A 396 18.72 -2.95 9.34
CA ARG A 396 17.26 -2.83 9.08
C ARG A 396 16.89 -1.35 9.13
N MET A 397 17.62 -0.56 9.91
CA MET A 397 17.38 0.88 9.94
C MET A 397 17.88 1.54 8.65
N TYR A 398 19.10 1.19 8.22
CA TYR A 398 19.61 1.68 6.95
C TYR A 398 18.75 1.21 5.79
N TRP A 399 18.27 -0.03 5.86
CA TRP A 399 17.40 -0.58 4.82
C TRP A 399 16.12 0.22 4.67
N ALA A 400 15.43 0.48 5.79
CA ALA A 400 14.14 1.17 5.72
C ALA A 400 14.31 2.65 5.42
N LYS A 401 15.33 3.29 6.01
CA LYS A 401 15.52 4.73 5.80
C LYS A 401 15.86 5.04 4.36
N LYS A 402 16.69 4.21 3.72
CA LYS A 402 17.01 4.44 2.31
C LYS A 402 15.79 4.25 1.42
N ILE A 403 14.84 3.40 1.83
CA ILE A 403 13.61 3.25 1.08
C ILE A 403 12.84 4.56 1.06
N LEU A 404 12.81 5.27 2.19
CA LEU A 404 12.16 6.57 2.24
C LEU A 404 12.86 7.57 1.31
N GLU A 405 14.19 7.48 1.22
CA GLU A 405 14.93 8.45 0.42
C GLU A 405 14.80 8.21 -1.08
N TRP A 406 14.48 6.98 -1.50
CA TRP A 406 14.45 6.63 -2.91
C TRP A 406 13.06 6.16 -3.36
N SER A 407 12.01 6.74 -2.80
CA SER A 407 10.64 6.41 -3.17
CA SER A 407 10.64 6.41 -3.16
C SER A 407 9.91 7.69 -3.55
N GLU A 408 8.75 7.50 -4.21
CA GLU A 408 7.97 8.64 -4.69
C GLU A 408 7.49 9.51 -3.52
N SER A 409 6.90 8.90 -2.51
CA SER A 409 6.22 9.63 -1.45
C SER A 409 6.39 8.86 -0.14
N PRO A 410 6.18 9.52 1.00
CA PRO A 410 6.22 8.78 2.28
C PRO A 410 5.23 7.64 2.35
N GLU A 411 4.06 7.78 1.71
CA GLU A 411 3.10 6.68 1.67
C GLU A 411 3.66 5.49 0.90
N LYS A 412 4.34 5.75 -0.22
CA LYS A 412 4.93 4.67 -0.99
C LYS A 412 6.07 3.99 -0.24
N ALA A 413 6.88 4.77 0.49
CA ALA A 413 7.96 4.18 1.27
C ALA A 413 7.41 3.29 2.39
N LEU A 414 6.37 3.75 3.08
CA LEU A 414 5.77 2.94 4.14
C LEU A 414 5.21 1.64 3.58
N GLU A 415 4.51 1.72 2.44
CA GLU A 415 3.93 0.54 1.82
C GLU A 415 5.00 -0.44 1.38
N ILE A 416 6.08 0.07 0.77
CA ILE A 416 7.13 -0.81 0.24
C ILE A 416 7.87 -1.51 1.37
N ALA A 417 8.24 -0.75 2.41
CA ALA A 417 8.98 -1.33 3.52
C ALA A 417 8.17 -2.39 4.24
N ILE A 418 6.88 -2.12 4.48
CA ILE A 418 6.02 -3.10 5.12
C ILE A 418 5.83 -4.33 4.24
N CYS A 419 5.68 -4.13 2.93
CA CYS A 419 5.47 -5.25 2.03
C CYS A 419 6.67 -6.20 2.02
N LEU A 420 7.88 -5.66 1.97
CA LEU A 420 9.07 -6.50 1.97
C LEU A 420 9.33 -7.10 3.34
N ASN A 421 9.05 -6.34 4.40
CA ASN A 421 9.29 -6.84 5.76
C ASN A 421 8.42 -8.04 6.07
N ASP A 422 7.12 -7.95 5.80
CA ASP A 422 6.21 -9.04 6.14
C ASP A 422 6.39 -10.23 5.22
N ARG A 423 6.82 -10.01 3.97
CA ARG A 423 6.91 -11.09 3.01
C ARG A 423 8.14 -11.97 3.25
N TYR A 424 9.27 -11.37 3.64
CA TYR A 424 10.54 -12.09 3.68
C TYR A 424 11.15 -12.27 5.07
N GLU A 425 10.78 -11.46 6.05
CA GLU A 425 11.28 -11.64 7.40
C GLU A 425 10.55 -12.80 8.07
N LEU A 426 11.32 -13.69 8.72
CA LEU A 426 10.70 -14.73 9.54
C LEU A 426 9.96 -14.12 10.73
N ASP A 427 10.43 -12.98 11.23
CA ASP A 427 9.79 -12.29 12.33
C ASP A 427 8.79 -11.23 11.86
N GLY A 428 8.50 -11.19 10.58
CA GLY A 428 7.58 -10.20 10.04
C GLY A 428 6.14 -10.44 10.48
N ARG A 429 5.27 -9.53 10.06
CA ARG A 429 3.88 -9.51 10.49
C ARG A 429 3.78 -9.48 12.02
N ASP A 430 4.57 -8.60 12.62
CA ASP A 430 4.75 -8.51 14.06
C ASP A 430 4.62 -7.05 14.50
N PRO A 431 4.14 -6.81 15.72
CA PRO A 431 4.13 -5.44 16.24
C PRO A 431 5.51 -4.79 16.27
N ASN A 432 6.57 -5.60 16.44
CA ASN A 432 7.92 -5.07 16.35
C ASN A 432 8.22 -4.53 14.96
N GLY A 433 7.75 -5.23 13.92
CA GLY A 433 8.00 -4.78 12.56
C GLY A 433 7.36 -3.44 12.25
N TYR A 434 6.08 -3.29 12.61
CA TYR A 434 5.38 -2.04 12.35
C TYR A 434 5.95 -0.90 13.19
N ALA A 435 6.31 -1.17 14.45
CA ALA A 435 6.96 -0.16 15.27
C ALA A 435 8.36 0.14 14.76
N GLY A 436 9.07 -0.89 14.29
CA GLY A 436 10.39 -0.66 13.73
C GLY A 436 10.36 0.16 12.45
N ILE A 437 9.40 -0.14 11.57
CA ILE A 437 9.29 0.63 10.33
C ILE A 437 8.81 2.05 10.61
N ALA A 438 7.86 2.20 11.54
CA ALA A 438 7.39 3.54 11.89
C ALA A 438 8.49 4.38 12.53
N TRP A 439 9.41 3.74 13.26
CA TRP A 439 10.54 4.46 13.83
C TRP A 439 11.49 4.96 12.74
N SER A 440 11.74 4.12 11.73
CA SER A 440 12.71 4.46 10.69
C SER A 440 12.17 5.49 9.70
N ILE A 441 10.87 5.43 9.40
CA ILE A 441 10.29 6.26 8.34
C ILE A 441 9.51 7.44 8.91
N GLY A 442 8.77 7.22 9.99
CA GLY A 442 7.93 8.27 10.55
C GLY A 442 8.44 8.85 11.85
N GLY A 443 9.58 8.37 12.33
CA GLY A 443 10.13 8.89 13.57
C GLY A 443 9.33 8.57 14.81
N VAL A 444 8.51 7.53 14.76
CA VAL A 444 7.74 7.11 15.93
C VAL A 444 8.70 6.62 17.00
N HIS A 445 8.49 7.08 18.25
CA HIS A 445 9.38 6.79 19.38
C HIS A 445 10.78 7.34 19.16
N ASP A 446 10.92 8.30 18.24
CA ASP A 446 12.18 8.97 18.00
C ASP A 446 12.00 10.48 18.14
N ARG A 447 13.01 11.26 17.77
CA ARG A 447 12.93 12.71 17.85
C ARG A 447 13.43 13.32 16.54
N ALA A 448 13.32 14.64 16.44
CA ALA A 448 13.73 15.35 15.24
C ALA A 448 15.26 15.46 15.17
N TRP A 449 15.77 15.59 13.93
CA TRP A 449 17.20 15.72 13.71
C TRP A 449 17.47 16.82 12.68
N GLY A 450 18.70 16.88 12.16
CA GLY A 450 19.05 17.95 11.24
C GLY A 450 18.16 17.95 10.01
N GLU A 451 17.82 19.16 9.55
CA GLU A 451 16.95 19.31 8.40
C GLU A 451 17.66 18.87 7.13
N ARG A 452 16.99 18.07 6.31
CA ARG A 452 17.54 17.57 5.07
C ARG A 452 16.48 17.60 3.99
N GLU A 453 16.92 17.49 2.74
CA GLU A 453 16.00 17.36 1.63
C GLU A 453 15.35 15.97 1.65
N VAL A 454 14.19 15.87 1.02
CA VAL A 454 13.44 14.61 0.87
C VAL A 454 12.98 14.09 2.22
N THR A 455 13.92 13.72 3.09
CA THR A 455 13.59 13.10 4.36
C THR A 455 13.20 14.08 5.45
N GLY A 456 13.43 15.39 5.23
CA GLY A 456 13.05 16.37 6.23
C GLY A 456 13.87 16.25 7.50
N LYS A 457 13.20 16.22 8.64
CA LYS A 457 13.83 16.16 9.94
C LYS A 457 13.93 14.74 10.50
N ILE A 458 13.53 13.73 9.73
CA ILE A 458 13.63 12.35 10.18
C ILE A 458 15.11 11.97 10.31
N ARG A 459 15.39 11.07 11.25
CA ARG A 459 16.76 10.64 11.49
C ARG A 459 17.41 10.11 10.22
N TYR A 460 18.61 10.61 9.93
CA TYR A 460 19.31 10.27 8.70
C TYR A 460 20.44 9.28 8.98
N MET A 461 20.63 8.35 8.05
CA MET A 461 21.74 7.41 8.09
C MET A 461 22.38 7.40 6.71
N SER A 462 23.70 7.23 6.68
CA SER A 462 24.46 7.29 5.45
C SER A 462 25.37 6.08 5.33
N TYR A 463 25.79 5.80 4.09
CA TYR A 463 26.76 4.74 3.85
C TYR A 463 28.07 5.03 4.57
N GLU A 464 28.51 6.29 4.57
CA GLU A 464 29.75 6.66 5.23
C GLU A 464 29.67 6.42 6.73
N GLY A 465 28.51 6.70 7.34
CA GLY A 465 28.34 6.42 8.76
C GLY A 465 28.47 4.94 9.09
N CYS A 466 28.02 4.08 8.18
CA CYS A 466 28.19 2.64 8.39
C CYS A 466 29.64 2.21 8.26
N LYS A 467 30.42 2.91 7.42
CA LYS A 467 31.81 2.53 7.21
C LYS A 467 32.66 2.74 8.46
N ARG A 468 32.32 3.74 9.28
CA ARG A 468 33.08 4.03 10.48
C ARG A 468 32.66 3.18 11.67
N LYS A 469 31.57 2.43 11.57
CA LYS A 469 31.09 1.61 12.67
C LYS A 469 31.35 0.12 12.49
N PHE A 470 31.42 -0.36 11.25
CA PHE A 470 31.70 -1.77 10.99
C PHE A 470 32.30 -1.91 9.61
N ASP A 471 32.88 -3.08 9.34
CA ASP A 471 33.48 -3.36 8.04
C ASP A 471 32.38 -3.56 7.02
N VAL A 472 32.07 -2.49 6.27
CA VAL A 472 30.97 -2.55 5.30
C VAL A 472 31.30 -3.50 4.16
N LYS A 473 32.56 -3.52 3.72
CA LYS A 473 32.95 -4.36 2.59
C LYS A 473 32.75 -5.84 2.90
N LEU A 474 33.08 -6.26 4.14
CA LEU A 474 32.88 -7.65 4.51
C LEU A 474 31.42 -8.03 4.47
N TYR A 475 30.54 -7.14 4.93
CA TYR A 475 29.10 -7.40 4.86
C TYR A 475 28.64 -7.52 3.42
N ILE A 476 29.13 -6.66 2.54
CA ILE A 476 28.74 -6.72 1.13
C ILE A 476 29.22 -8.01 0.48
N GLU A 477 30.48 -8.39 0.74
CA GLU A 477 31.05 -9.57 0.12
C GLU A 477 30.36 -10.85 0.59
N LYS A 478 29.87 -10.87 1.82
CA LYS A 478 29.19 -12.05 2.34
C LYS A 478 27.88 -12.31 1.58
N TYR A 479 27.21 -11.26 1.15
CA TYR A 479 25.94 -11.40 0.44
C TYR A 479 26.03 -10.83 -0.96
N SER A 480 27.11 -11.15 -1.67
CA SER A 480 27.34 -10.69 -3.04
C SER A 480 27.33 -9.17 -3.14
N LEU B 14 6.64 35.97 -26.37
CA LEU B 14 6.44 34.60 -25.93
C LEU B 14 5.82 33.76 -27.04
N VAL B 15 4.90 34.35 -27.80
CA VAL B 15 4.21 33.68 -28.89
C VAL B 15 4.57 34.41 -30.18
N PRO B 16 4.95 33.69 -31.24
CA PRO B 16 5.30 34.36 -32.50
C PRO B 16 4.10 35.06 -33.11
N ARG B 17 4.38 36.08 -33.90
CA ARG B 17 3.33 36.85 -34.54
C ARG B 17 2.56 36.01 -35.56
N GLY B 18 1.26 36.22 -35.62
CA GLY B 18 0.41 35.50 -36.56
C GLY B 18 0.32 34.01 -36.31
N SER B 19 0.28 33.59 -35.05
CA SER B 19 0.19 32.18 -34.71
C SER B 19 -1.12 31.81 -34.03
N HIS B 20 -1.89 32.78 -33.54
CA HIS B 20 -3.16 32.54 -32.84
C HIS B 20 -2.98 31.53 -31.71
N MET B 21 -2.10 31.89 -30.77
CA MET B 21 -1.80 31.07 -29.61
CA MET B 21 -1.81 31.07 -29.61
C MET B 21 -2.04 31.86 -28.34
N ASN B 22 -2.87 31.32 -27.46
CA ASN B 22 -3.09 31.98 -26.18
C ASN B 22 -1.87 31.79 -25.30
N PRO B 23 -1.18 32.85 -24.89
CA PRO B 23 0.06 32.66 -24.11
C PRO B 23 -0.18 32.18 -22.70
N LYS B 24 -1.42 32.15 -22.23
CA LYS B 24 -1.69 31.63 -20.90
C LYS B 24 -1.62 30.10 -20.85
N ARG B 25 -1.68 29.44 -22.01
CA ARG B 25 -1.50 27.99 -22.05
C ARG B 25 -0.05 27.58 -21.86
N ILE B 26 0.89 28.52 -21.85
CA ILE B 26 2.32 28.24 -21.85
C ILE B 26 2.89 28.60 -20.49
N ARG B 27 3.75 27.73 -19.97
CA ARG B 27 4.46 27.97 -18.72
C ARG B 27 5.94 27.70 -18.94
N ALA B 28 6.78 28.69 -18.67
CA ALA B 28 8.21 28.58 -18.88
C ALA B 28 8.86 27.98 -17.62
N LEU B 29 9.38 26.76 -17.75
CA LEU B 29 10.03 26.11 -16.62
C LEU B 29 11.47 26.57 -16.43
N LYS B 30 12.14 26.97 -17.52
CA LYS B 30 13.54 27.37 -17.44
C LYS B 30 13.86 28.28 -18.61
N SER B 31 14.48 29.43 -18.31
CA SER B 31 14.92 30.35 -19.35
C SER B 31 16.37 30.08 -19.71
N GLY B 32 16.83 30.73 -20.77
CA GLY B 32 18.20 30.58 -21.22
C GLY B 32 18.35 30.98 -22.66
N LYS B 33 19.59 30.86 -23.15
CA LYS B 33 19.88 31.19 -24.53
C LYS B 33 19.31 30.13 -25.47
N GLN B 34 18.58 30.58 -26.47
CA GLN B 34 17.99 29.66 -27.44
C GLN B 34 19.07 29.08 -28.34
N GLY B 35 19.09 27.76 -28.45
CA GLY B 35 20.09 27.10 -29.26
C GLY B 35 19.82 27.24 -30.75
N ASP B 36 20.74 26.70 -31.54
CA ASP B 36 20.68 26.77 -32.99
C ASP B 36 20.02 25.55 -33.62
N GLY B 37 19.51 24.63 -32.81
CA GLY B 37 18.98 23.39 -33.33
C GLY B 37 17.46 23.31 -33.32
N PRO B 38 16.94 22.13 -33.62
CA PRO B 38 15.49 21.98 -33.76
C PRO B 38 14.77 22.07 -32.41
N VAL B 39 13.50 22.44 -32.49
CA VAL B 39 12.64 22.46 -31.32
C VAL B 39 12.17 21.03 -31.04
N VAL B 40 12.36 20.59 -29.80
CA VAL B 40 12.02 19.23 -29.39
C VAL B 40 10.77 19.29 -28.54
N TYR B 41 9.74 18.54 -28.96
CA TYR B 41 8.52 18.38 -28.17
C TYR B 41 8.61 17.05 -27.44
N TRP B 42 8.75 17.13 -26.12
CA TRP B 42 8.76 15.93 -25.27
C TRP B 42 7.30 15.55 -25.00
N MET B 43 6.78 14.65 -25.82
CA MET B 43 5.40 14.20 -25.70
C MET B 43 5.30 13.15 -24.61
N SER B 44 4.53 13.44 -23.56
CA SER B 44 4.31 12.49 -22.47
C SER B 44 2.85 12.11 -22.30
N ARG B 45 1.95 13.09 -22.19
CA ARG B 45 0.56 12.84 -21.83
C ARG B 45 -0.39 12.86 -23.03
N ASP B 46 -0.21 13.78 -23.97
CA ASP B 46 -1.14 13.97 -25.08
C ASP B 46 -0.52 13.32 -26.32
N GLN B 47 -0.80 12.03 -26.50
CA GLN B 47 -0.26 11.26 -27.62
C GLN B 47 -1.20 11.36 -28.82
N ARG B 48 -1.15 12.52 -29.48
CA ARG B 48 -1.95 12.75 -30.69
C ARG B 48 -1.24 13.79 -31.54
N ALA B 49 -1.62 13.82 -32.83
CA ALA B 49 -1.04 14.76 -33.78
C ALA B 49 -1.88 16.02 -33.93
N GLU B 50 -3.20 15.87 -34.03
CA GLU B 50 -4.11 16.99 -34.18
C GLU B 50 -4.65 17.43 -32.83
N ASP B 51 -5.10 18.69 -32.78
CA ASP B 51 -5.68 19.27 -31.56
C ASP B 51 -4.71 19.19 -30.38
N ASN B 52 -3.44 19.45 -30.64
CA ASN B 52 -2.38 19.37 -29.63
C ASN B 52 -1.80 20.77 -29.44
N TRP B 53 -2.18 21.42 -28.33
CA TRP B 53 -1.66 22.75 -28.05
C TRP B 53 -0.15 22.73 -27.85
N ALA B 54 0.37 21.69 -27.20
CA ALA B 54 1.82 21.58 -26.99
C ALA B 54 2.56 21.41 -28.30
N LEU B 55 2.03 20.57 -29.21
CA LEU B 55 2.70 20.33 -30.48
C LEU B 55 2.56 21.51 -31.43
N LEU B 56 1.41 22.18 -31.41
CA LEU B 56 1.24 23.38 -32.23
C LEU B 56 2.18 24.49 -31.79
N PHE B 57 2.39 24.64 -30.48
CA PHE B 57 3.30 25.66 -29.97
C PHE B 57 4.74 25.34 -30.35
N SER B 58 5.11 24.06 -30.35
CA SER B 58 6.44 23.68 -30.80
C SER B 58 6.63 24.01 -32.28
N ARG B 59 5.60 23.81 -33.09
CA ARG B 59 5.69 24.16 -34.50
C ARG B 59 5.77 25.67 -34.70
N ALA B 60 5.13 26.45 -33.82
CA ALA B 60 5.18 27.90 -33.95
C ALA B 60 6.58 28.43 -33.66
N ILE B 61 7.21 27.94 -32.59
CA ILE B 61 8.57 28.38 -32.26
C ILE B 61 9.54 27.95 -33.35
N ALA B 62 9.39 26.73 -33.85
CA ALA B 62 10.27 26.23 -34.90
C ALA B 62 10.14 27.06 -36.18
N LYS B 63 8.91 27.50 -36.49
CA LYS B 63 8.70 28.34 -37.66
C LYS B 63 9.42 29.69 -37.52
N GLU B 64 9.43 30.26 -36.31
CA GLU B 64 10.07 31.55 -36.12
C GLU B 64 11.59 31.43 -36.15
N ALA B 65 12.14 30.36 -35.60
CA ALA B 65 13.57 30.15 -35.51
C ALA B 65 14.16 29.50 -36.75
N ASN B 66 13.35 29.24 -37.78
CA ASN B 66 13.80 28.64 -39.02
C ASN B 66 14.44 27.27 -38.79
N VAL B 67 13.87 26.52 -37.84
CA VAL B 67 14.38 25.19 -37.51
C VAL B 67 13.21 24.21 -37.60
N PRO B 68 13.48 22.93 -37.81
CA PRO B 68 12.41 21.95 -37.82
C PRO B 68 12.00 21.58 -36.39
N VAL B 69 10.91 20.82 -36.30
CA VAL B 69 10.39 20.35 -35.02
C VAL B 69 10.38 18.82 -35.04
N VAL B 70 10.72 18.22 -33.90
CA VAL B 70 10.75 16.78 -33.75
C VAL B 70 10.00 16.40 -32.48
N VAL B 71 9.50 15.16 -32.46
CA VAL B 71 8.73 14.63 -31.34
C VAL B 71 9.51 13.49 -30.71
N VAL B 72 9.65 13.52 -29.39
CA VAL B 72 10.35 12.48 -28.66
C VAL B 72 9.41 11.86 -27.64
N PHE B 73 9.68 10.60 -27.31
CA PHE B 73 8.86 9.86 -26.35
C PHE B 73 9.76 8.87 -25.63
N CYS B 74 9.78 8.92 -24.31
CA CYS B 74 10.62 8.04 -23.49
C CYS B 74 9.72 7.04 -22.78
N LEU B 75 9.84 5.77 -23.14
CA LEU B 75 9.09 4.70 -22.52
C LEU B 75 9.93 4.09 -21.40
N THR B 76 9.46 4.24 -20.15
CA THR B 76 10.20 3.75 -19.01
C THR B 76 10.11 2.23 -18.91
N ASP B 77 11.21 1.61 -18.45
CA ASP B 77 11.21 0.17 -18.23
C ASP B 77 10.28 -0.23 -17.09
N GLU B 78 10.14 0.63 -16.08
CA GLU B 78 9.37 0.29 -14.89
C GLU B 78 7.86 0.30 -15.14
N PHE B 79 7.40 0.82 -16.28
CA PHE B 79 5.98 0.85 -16.59
C PHE B 79 5.54 -0.30 -17.48
N LEU B 80 6.45 -1.23 -17.80
CA LEU B 80 6.10 -2.37 -18.65
C LEU B 80 5.38 -3.44 -17.84
N GLY B 83 1.06 -2.62 -16.08
CA GLY B 83 -0.14 -2.68 -16.89
C GLY B 83 0.10 -3.19 -18.30
N ILE B 84 -0.15 -4.48 -18.51
CA ILE B 84 0.04 -5.07 -19.83
C ILE B 84 -1.04 -4.57 -20.79
N ARG B 85 -2.29 -4.48 -20.33
CA ARG B 85 -3.38 -4.07 -21.22
C ARG B 85 -3.24 -2.62 -21.64
N GLN B 86 -2.74 -1.76 -20.74
CA GLN B 86 -2.51 -0.37 -21.11
C GLN B 86 -1.32 -0.24 -22.05
N TYR B 87 -0.34 -1.14 -21.94
CA TYR B 87 0.83 -1.08 -22.80
C TYR B 87 0.47 -1.35 -24.26
N GLU B 88 -0.32 -2.40 -24.51
CA GLU B 88 -0.72 -2.71 -25.88
C GLU B 88 -1.67 -1.67 -26.45
N PHE B 89 -2.50 -1.06 -25.61
CA PHE B 89 -3.37 0.01 -26.07
C PHE B 89 -2.57 1.24 -26.46
N MET B 90 -1.56 1.60 -25.67
CA MET B 90 -0.77 2.79 -25.96
C MET B 90 0.16 2.57 -27.14
N LEU B 91 0.80 1.39 -27.22
CA LEU B 91 1.78 1.14 -28.26
C LEU B 91 1.15 1.16 -29.65
N LYS B 92 -0.07 0.62 -29.77
CA LYS B 92 -0.76 0.63 -31.06
C LYS B 92 -1.08 2.06 -31.49
N GLY B 93 -1.48 2.91 -30.54
CA GLY B 93 -1.72 4.30 -30.86
C GLY B 93 -0.46 5.04 -31.27
N LEU B 94 0.68 4.69 -30.65
CA LEU B 94 1.94 5.31 -31.02
C LEU B 94 2.39 4.90 -32.42
N GLN B 95 2.07 3.67 -32.83
CA GLN B 95 2.37 3.26 -34.20
C GLN B 95 1.57 4.07 -35.20
N GLU B 96 0.29 4.33 -34.90
CA GLU B 96 -0.53 5.16 -35.78
C GLU B 96 -0.10 6.62 -35.72
N LEU B 97 0.44 7.07 -34.59
CA LEU B 97 0.94 8.43 -34.48
C LEU B 97 2.28 8.58 -35.21
N GLU B 98 3.08 7.52 -35.26
CA GLU B 98 4.39 7.60 -35.90
C GLU B 98 4.27 7.81 -37.40
N VAL B 99 3.23 7.22 -38.03
CA VAL B 99 3.03 7.43 -39.46
C VAL B 99 2.34 8.77 -39.72
N SER B 100 1.43 9.17 -38.84
CA SER B 100 0.74 10.45 -39.02
C SER B 100 1.71 11.62 -38.94
N LEU B 101 2.65 11.57 -37.99
CA LEU B 101 3.67 12.61 -37.92
C LEU B 101 4.62 12.56 -39.10
N SER B 102 4.94 11.36 -39.58
CA SER B 102 5.75 11.23 -40.78
C SER B 102 5.04 11.81 -42.00
N ARG B 103 3.71 11.80 -41.99
CA ARG B 103 2.95 12.43 -43.06
C ARG B 103 3.09 13.95 -43.04
N LYS B 104 3.42 14.54 -41.88
CA LYS B 104 3.67 15.96 -41.75
C LYS B 104 5.16 16.28 -41.71
N LYS B 105 6.00 15.34 -42.11
CA LYS B 105 7.46 15.52 -42.15
C LYS B 105 8.03 15.84 -40.77
N ILE B 106 7.38 15.35 -39.71
CA ILE B 106 7.81 15.56 -38.35
C ILE B 106 8.41 14.25 -37.84
N PRO B 107 9.73 14.15 -37.69
CA PRO B 107 10.32 12.89 -37.20
C PRO B 107 9.94 12.64 -35.75
N SER B 108 9.76 11.36 -35.42
CA SER B 108 9.40 10.94 -34.08
C SER B 108 10.45 9.97 -33.56
N PHE B 109 11.00 10.25 -32.39
CA PHE B 109 12.02 9.42 -31.76
C PHE B 109 11.44 8.79 -30.50
N PHE B 110 11.65 7.48 -30.34
CA PHE B 110 11.15 6.73 -29.20
C PHE B 110 12.33 6.16 -28.43
N LEU B 111 12.50 6.62 -27.19
CA LEU B 111 13.60 6.18 -26.34
C LEU B 111 13.09 5.20 -25.29
N ARG B 112 14.05 4.58 -24.58
CA ARG B 112 13.73 3.61 -23.55
C ARG B 112 14.68 3.83 -22.38
N GLY B 113 14.11 4.12 -21.22
CA GLY B 113 14.91 4.33 -20.02
C GLY B 113 14.28 5.41 -19.16
N ASP B 114 15.10 5.95 -18.26
CA ASP B 114 14.65 7.02 -17.37
C ASP B 114 14.51 8.32 -18.15
N PRO B 115 13.33 8.94 -18.19
CA PRO B 115 13.18 10.21 -18.90
C PRO B 115 14.05 11.32 -18.35
N GLY B 116 14.35 11.29 -17.05
CA GLY B 116 15.19 12.34 -16.47
C GLY B 116 16.58 12.38 -17.06
N GLU B 117 17.13 11.23 -17.45
CA GLU B 117 18.45 11.17 -18.06
C GLU B 117 18.40 11.02 -19.57
N LYS B 118 17.37 10.36 -20.12
CA LYS B 118 17.31 10.15 -21.56
C LYS B 118 16.95 11.43 -22.30
N ILE B 119 16.00 12.19 -21.78
CA ILE B 119 15.60 13.44 -22.44
C ILE B 119 16.75 14.45 -22.40
N SER B 120 17.44 14.54 -21.26
CA SER B 120 18.57 15.45 -21.16
C SER B 120 19.70 15.05 -22.12
N ARG B 121 19.96 13.75 -22.23
CA ARG B 121 20.99 13.29 -23.15
C ARG B 121 20.59 13.53 -24.60
N PHE B 122 19.30 13.37 -24.92
CA PHE B 122 18.83 13.61 -26.28
C PHE B 122 19.02 15.07 -26.67
N VAL B 123 18.75 15.99 -25.75
CA VAL B 123 18.87 17.42 -26.04
C VAL B 123 20.32 17.76 -26.37
N LYS B 124 21.27 17.25 -25.59
CA LYS B 124 22.68 17.53 -25.84
C LYS B 124 23.16 16.88 -27.13
N ASP B 125 22.77 15.63 -27.36
CA ASP B 125 23.26 14.90 -28.53
C ASP B 125 22.73 15.51 -29.83
N TYR B 126 21.43 15.76 -29.90
CA TYR B 126 20.83 16.30 -31.11
CA TYR B 126 20.77 16.29 -31.08
C TYR B 126 20.87 17.82 -31.17
N ASN B 127 21.46 18.47 -30.16
CA ASN B 127 21.65 19.91 -30.15
C ASN B 127 20.30 20.65 -30.25
N ALA B 128 19.38 20.30 -29.37
CA ALA B 128 18.08 20.95 -29.35
C ALA B 128 18.21 22.40 -28.92
N GLY B 129 17.48 23.27 -29.60
CA GLY B 129 17.51 24.68 -29.28
C GLY B 129 16.43 25.09 -28.29
N THR B 130 15.34 24.32 -28.25
CA THR B 130 14.24 24.59 -27.33
C THR B 130 13.57 23.27 -27.00
N LEU B 131 13.16 23.11 -25.74
CA LEU B 131 12.51 21.90 -25.27
C LEU B 131 11.10 22.24 -24.83
N VAL B 132 10.12 21.46 -25.32
CA VAL B 132 8.71 21.67 -25.00
C VAL B 132 8.13 20.34 -24.54
N THR B 133 7.24 20.39 -23.55
CA THR B 133 6.56 19.20 -23.05
C THR B 133 5.13 19.57 -22.69
N ASP B 134 4.29 18.55 -22.57
CA ASP B 134 2.91 18.73 -22.15
C ASP B 134 2.81 18.67 -20.62
N PHE B 135 1.64 19.07 -20.12
CA PHE B 135 1.42 19.19 -18.68
C PHE B 135 0.77 17.93 -18.13
N SER B 136 1.20 17.53 -16.94
CA SER B 136 0.60 16.43 -16.20
C SER B 136 0.85 16.69 -14.72
N PRO B 137 -0.20 16.65 -13.89
CA PRO B 137 -0.01 16.92 -12.45
C PRO B 137 0.49 15.73 -11.65
N LEU B 138 0.75 14.59 -12.30
CA LEU B 138 1.20 13.41 -11.59
C LEU B 138 2.60 13.61 -11.01
N ARG B 139 2.88 12.90 -9.92
CA ARG B 139 4.12 13.09 -9.19
C ARG B 139 5.34 12.73 -10.03
N ILE B 140 5.28 11.62 -10.76
CA ILE B 140 6.44 11.14 -11.48
C ILE B 140 6.80 12.04 -12.66
N LYS B 141 5.83 12.82 -13.17
CA LYS B 141 6.15 13.77 -14.23
C LYS B 141 6.93 14.96 -13.68
N ASN B 142 6.57 15.44 -12.49
CA ASN B 142 7.30 16.55 -11.89
CA ASN B 142 7.30 16.55 -11.89
C ASN B 142 8.74 16.16 -11.59
N GLN B 143 8.96 14.93 -11.12
CA GLN B 143 10.30 14.47 -10.82
C GLN B 143 11.18 14.47 -12.06
N TRP B 144 10.65 14.01 -13.18
CA TRP B 144 11.42 14.00 -14.43
C TRP B 144 11.75 15.42 -14.88
N ILE B 145 10.82 16.35 -14.71
CA ILE B 145 11.05 17.73 -15.13
C ILE B 145 12.20 18.35 -14.33
N GLU B 146 12.21 18.14 -13.00
CA GLU B 146 13.28 18.68 -12.19
C GLU B 146 14.62 18.06 -12.53
N LYS B 147 14.62 16.81 -12.99
CA LYS B 147 15.87 16.18 -13.41
C LYS B 147 16.34 16.74 -14.75
N VAL B 148 15.41 17.04 -15.66
CA VAL B 148 15.77 17.57 -16.97
C VAL B 148 16.31 18.99 -16.84
N ILE B 149 15.70 19.80 -15.96
CA ILE B 149 16.09 21.21 -15.84
C ILE B 149 17.55 21.32 -15.41
N SER B 150 17.99 20.47 -14.50
CA SER B 150 19.37 20.52 -14.00
CA SER B 150 19.37 20.52 -14.00
C SER B 150 20.37 19.93 -14.99
N GLY B 151 19.91 19.34 -16.09
CA GLY B 151 20.82 18.74 -17.05
C GLY B 151 20.85 19.42 -18.41
N ILE B 152 20.14 20.53 -18.58
CA ILE B 152 20.08 21.24 -19.84
C ILE B 152 20.34 22.72 -19.61
N SER B 153 20.64 23.43 -20.71
CA SER B 153 20.87 24.87 -20.67
C SER B 153 20.05 25.61 -21.71
N ILE B 154 19.09 24.96 -22.35
CA ILE B 154 18.26 25.58 -23.37
C ILE B 154 16.91 25.94 -22.77
N PRO B 155 16.16 26.88 -23.35
CA PRO B 155 14.83 27.21 -22.80
C PRO B 155 13.93 25.99 -22.77
N PHE B 156 13.14 25.90 -21.70
CA PHE B 156 12.23 24.78 -21.46
C PHE B 156 10.84 25.33 -21.23
N PHE B 157 9.87 24.85 -22.00
CA PHE B 157 8.49 25.31 -21.91
C PHE B 157 7.56 24.12 -21.68
N GLU B 158 6.42 24.40 -21.03
CA GLU B 158 5.41 23.40 -20.77
C GLU B 158 4.04 23.98 -21.14
N VAL B 159 3.24 23.18 -21.84
CA VAL B 159 1.95 23.61 -22.36
C VAL B 159 0.87 22.65 -21.87
N ASP B 160 -0.22 23.21 -21.36
CA ASP B 160 -1.37 22.42 -20.94
C ASP B 160 -2.21 22.10 -22.17
N ALA B 161 -1.96 20.92 -22.75
CA ALA B 161 -2.68 20.45 -23.92
C ALA B 161 -3.81 19.49 -23.56
N HIS B 162 -4.08 19.27 -22.28
CA HIS B 162 -5.10 18.33 -21.84
C HIS B 162 -6.38 19.01 -21.38
N ASN B 163 -6.26 20.12 -20.65
CA ASN B 163 -7.41 20.84 -20.12
C ASN B 163 -7.81 21.97 -21.07
N VAL B 164 -9.11 22.23 -21.14
CA VAL B 164 -9.60 23.35 -21.96
C VAL B 164 -9.09 24.67 -21.42
N VAL B 165 -9.20 24.86 -20.11
CA VAL B 165 -8.63 26.02 -19.42
C VAL B 165 -7.36 25.55 -18.73
N PRO B 166 -6.23 26.26 -18.86
CA PRO B 166 -4.98 25.79 -18.25
C PRO B 166 -5.13 25.58 -16.75
N CYS B 167 -4.48 24.54 -16.24
CA CYS B 167 -4.65 24.15 -14.84
C CYS B 167 -4.20 25.25 -13.90
N TRP B 168 -3.08 25.90 -14.20
CA TRP B 168 -2.60 27.00 -13.37
C TRP B 168 -3.41 28.27 -13.54
N GLU B 169 -4.30 28.33 -14.54
CA GLU B 169 -5.13 29.50 -14.77
C GLU B 169 -6.56 29.34 -14.27
N ALA B 170 -7.08 28.11 -14.23
CA ALA B 170 -8.43 27.89 -13.75
C ALA B 170 -8.55 28.23 -12.26
N SER B 171 -7.58 27.80 -11.46
CA SER B 171 -7.58 28.08 -10.03
C SER B 171 -6.15 28.06 -9.53
N GLN B 172 -5.89 28.85 -8.49
CA GLN B 172 -4.57 28.94 -7.89
C GLN B 172 -4.46 28.15 -6.59
N LYS B 173 -5.47 27.35 -6.26
CA LYS B 173 -5.49 26.63 -5.00
C LYS B 173 -6.33 25.37 -5.17
N HIS B 174 -6.24 24.49 -4.17
CA HIS B 174 -7.05 23.28 -4.16
C HIS B 174 -8.51 23.66 -3.97
N GLU B 175 -9.37 23.20 -4.88
CA GLU B 175 -10.79 23.50 -4.83
C GLU B 175 -11.51 22.48 -3.96
N TYR B 176 -12.30 22.96 -3.00
CA TYR B 176 -12.97 22.07 -2.06
C TYR B 176 -14.02 21.22 -2.76
N ALA B 177 -14.85 21.84 -3.60
CA ALA B 177 -15.91 21.13 -4.31
C ALA B 177 -16.02 21.70 -5.71
N ALA B 178 -16.98 21.16 -6.48
CA ALA B 178 -17.19 21.65 -7.84
C ALA B 178 -17.99 22.95 -7.87
N HIS B 179 -18.92 23.14 -6.93
CA HIS B 179 -19.71 24.36 -6.91
C HIS B 179 -18.86 25.61 -6.69
N THR B 180 -17.67 25.44 -6.09
CA THR B 180 -16.70 26.52 -6.04
C THR B 180 -15.85 26.57 -7.31
N PHE B 181 -15.62 25.41 -7.94
CA PHE B 181 -14.83 25.32 -9.16
C PHE B 181 -15.65 25.62 -10.41
N ARG B 182 -16.97 25.41 -10.37
CA ARG B 182 -17.79 25.65 -11.56
C ARG B 182 -17.77 27.10 -12.02
N PRO B 183 -18.01 28.11 -11.18
CA PRO B 183 -17.96 29.49 -11.68
C PRO B 183 -16.60 29.91 -12.19
N LYS B 184 -15.52 29.40 -11.60
CA LYS B 184 -14.18 29.76 -12.05
C LYS B 184 -13.91 29.26 -13.47
N LEU B 185 -14.28 28.01 -13.76
CA LEU B 185 -14.07 27.47 -15.10
C LEU B 185 -14.94 28.17 -16.13
N TYR B 186 -16.24 28.28 -15.86
CA TYR B 186 -17.17 28.85 -16.83
C TYR B 186 -16.91 30.32 -17.08
N ALA B 187 -16.25 31.02 -16.16
CA ALA B 187 -15.88 32.41 -16.41
C ALA B 187 -14.77 32.51 -17.44
N LEU B 188 -13.85 31.55 -17.45
CA LEU B 188 -12.73 31.53 -18.39
C LEU B 188 -13.03 30.71 -19.64
N LEU B 189 -14.21 30.11 -19.75
CA LEU B 189 -14.52 29.30 -20.93
C LEU B 189 -14.52 30.11 -22.23
N PRO B 190 -15.19 31.27 -22.34
CA PRO B 190 -15.23 31.95 -23.64
C PRO B 190 -13.84 32.33 -24.16
N GLU B 191 -12.88 32.59 -23.28
CA GLU B 191 -11.55 32.98 -23.73
C GLU B 191 -10.79 31.78 -24.30
N PHE B 192 -10.87 30.63 -23.66
CA PHE B 192 -10.06 29.48 -24.04
C PHE B 192 -10.76 28.48 -24.94
N LEU B 193 -12.09 28.48 -24.98
CA LEU B 193 -12.83 27.55 -25.84
C LEU B 193 -12.76 28.06 -27.26
N GLU B 194 -11.71 27.65 -27.97
CA GLU B 194 -11.45 28.10 -29.33
C GLU B 194 -11.11 26.90 -30.21
N GLU B 195 -11.21 27.11 -31.51
CA GLU B 195 -10.89 26.06 -32.47
C GLU B 195 -9.39 25.88 -32.61
N PHE B 196 -9.00 24.69 -33.07
CA PHE B 196 -7.60 24.32 -33.24
C PHE B 196 -7.12 24.67 -34.64
N PRO B 197 -6.03 25.42 -34.78
CA PRO B 197 -5.44 25.60 -36.12
C PRO B 197 -4.80 24.32 -36.61
N GLU B 198 -4.72 24.19 -37.94
CA GLU B 198 -4.16 22.99 -38.53
C GLU B 198 -2.65 22.93 -38.31
N LEU B 199 -2.16 21.74 -37.98
CA LEU B 199 -0.73 21.53 -37.77
C LEU B 199 0.01 21.63 -39.11
N GLU B 200 0.86 22.65 -39.23
CA GLU B 200 1.61 22.85 -40.46
C GLU B 200 2.75 21.84 -40.55
N PRO B 201 2.85 21.10 -41.65
CA PRO B 201 3.99 20.17 -41.81
C PRO B 201 5.31 20.91 -41.81
N ASN B 202 6.37 20.18 -41.44
CA ASN B 202 7.70 20.77 -41.38
C ASN B 202 8.12 21.32 -42.75
N SER B 203 8.62 22.55 -42.75
CA SER B 203 9.16 23.16 -43.97
C SER B 203 10.67 23.04 -44.08
N VAL B 204 11.35 22.80 -42.96
CA VAL B 204 12.79 22.63 -42.93
C VAL B 204 13.10 21.14 -42.83
N THR B 205 13.76 20.59 -43.84
CA THR B 205 14.09 19.17 -43.82
C THR B 205 15.16 18.92 -42.76
N PRO B 206 14.92 18.04 -41.78
CA PRO B 206 15.87 17.75 -40.71
C PRO B 206 16.97 16.78 -41.15
N ASP B 240 -2.81 -11.93 -18.25
CA ASP B 240 -4.12 -11.32 -18.44
C ASP B 240 -4.99 -12.17 -19.36
N PRO B 241 -5.46 -13.31 -18.86
CA PRO B 241 -6.29 -14.19 -19.71
C PRO B 241 -7.73 -13.73 -19.85
N LEU B 242 -8.26 -12.96 -18.91
CA LEU B 242 -9.64 -12.52 -18.94
C LEU B 242 -9.85 -11.25 -19.76
N PHE B 243 -8.77 -10.60 -20.20
CA PHE B 243 -8.91 -9.34 -20.91
C PHE B 243 -9.46 -9.58 -22.32
N GLU B 244 -10.49 -8.80 -22.68
CA GLU B 244 -11.06 -8.84 -24.02
C GLU B 244 -10.64 -7.56 -24.73
N PRO B 245 -9.64 -7.59 -25.60
CA PRO B 245 -9.11 -6.34 -26.17
C PRO B 245 -9.84 -5.85 -27.41
N TRP B 246 -10.89 -6.54 -27.84
CA TRP B 246 -11.64 -6.13 -29.03
C TRP B 246 -12.73 -5.10 -28.73
N HIS B 247 -12.88 -4.68 -27.47
CA HIS B 247 -13.92 -3.73 -27.11
C HIS B 247 -13.58 -2.32 -27.56
N PHE B 248 -12.31 -1.94 -27.48
CA PHE B 248 -11.88 -0.59 -27.82
C PHE B 248 -10.69 -0.65 -28.78
N GLU B 249 -10.90 -0.16 -29.99
CA GLU B 249 -9.79 -0.04 -30.94
C GLU B 249 -8.97 1.19 -30.59
N PRO B 250 -7.65 1.05 -30.41
CA PRO B 250 -6.81 2.19 -30.06
C PRO B 250 -6.37 3.00 -31.27
N GLY B 251 -5.98 4.24 -31.00
CA GLY B 251 -5.48 5.14 -32.01
C GLY B 251 -6.27 6.43 -32.06
N GLU B 252 -5.71 7.39 -32.82
CA GLU B 252 -6.37 8.69 -32.97
C GLU B 252 -7.57 8.58 -33.90
N LYS B 253 -7.46 7.78 -34.97
CA LYS B 253 -8.56 7.62 -35.91
C LYS B 253 -9.76 6.94 -35.25
N ALA B 254 -9.51 5.95 -34.41
CA ALA B 254 -10.60 5.25 -33.75
C ALA B 254 -11.26 6.11 -32.69
N ALA B 255 -10.51 7.01 -32.05
CA ALA B 255 -11.09 7.90 -31.05
C ALA B 255 -12.11 8.84 -31.68
N LYS B 256 -11.83 9.32 -32.90
CA LYS B 256 -12.77 10.21 -33.57
C LYS B 256 -14.07 9.50 -33.90
N LYS B 257 -13.98 8.25 -34.39
CA LYS B 257 -15.20 7.51 -34.71
C LYS B 257 -16.01 7.20 -33.46
N VAL B 258 -15.33 6.92 -32.34
CA VAL B 258 -16.03 6.69 -31.08
C VAL B 258 -16.74 7.97 -30.65
N MET B 259 -16.11 9.12 -30.85
CA MET B 259 -16.73 10.40 -30.51
C MET B 259 -17.96 10.66 -31.38
N GLU B 260 -17.82 10.48 -32.69
CA GLU B 260 -18.92 10.79 -33.61
C GLU B 260 -20.12 9.90 -33.34
N SER B 261 -19.89 8.63 -33.00
CA SER B 261 -20.99 7.74 -32.66
C SER B 261 -21.70 8.19 -31.39
N PHE B 262 -20.97 8.76 -30.44
CA PHE B 262 -21.59 9.22 -29.20
C PHE B 262 -22.53 10.40 -29.44
N ILE B 263 -22.16 11.31 -30.35
CA ILE B 263 -22.99 12.46 -30.62
C ILE B 263 -24.27 12.06 -31.34
N ALA B 264 -24.15 11.17 -32.33
CA ALA B 264 -25.30 10.84 -33.16
C ALA B 264 -26.29 9.94 -32.42
N ASP B 265 -25.80 8.96 -31.68
CA ASP B 265 -26.66 7.91 -31.11
C ASP B 265 -26.85 7.99 -29.61
N ARG B 266 -25.90 8.54 -28.87
CA ARG B 266 -25.92 8.44 -27.40
C ARG B 266 -25.98 9.77 -26.68
N LEU B 267 -25.65 10.89 -27.33
CA LEU B 267 -25.62 12.17 -26.62
C LEU B 267 -27.01 12.60 -26.17
N ASP B 268 -28.03 12.36 -27.00
CA ASP B 268 -29.37 12.84 -26.70
C ASP B 268 -29.92 12.23 -25.41
N SER B 269 -29.71 10.92 -25.22
CA SER B 269 -30.23 10.22 -24.06
C SER B 269 -29.16 9.96 -23.01
N TYR B 270 -28.07 10.73 -23.02
CA TYR B 270 -27.02 10.54 -22.03
C TYR B 270 -27.44 11.05 -20.65
N GLY B 271 -28.19 12.15 -20.61
CA GLY B 271 -28.52 12.78 -19.34
C GLY B 271 -29.44 11.96 -18.45
N ALA B 272 -30.18 11.01 -19.02
CA ALA B 272 -31.12 10.21 -18.26
C ALA B 272 -30.67 8.77 -18.03
N LEU B 273 -29.71 8.26 -18.80
CA LEU B 273 -29.28 6.88 -18.71
C LEU B 273 -27.79 6.73 -18.42
N ARG B 274 -27.14 7.80 -17.96
CA ARG B 274 -25.71 7.71 -17.66
C ARG B 274 -25.43 6.94 -16.38
N ASN B 275 -26.40 6.90 -15.45
CA ASN B 275 -26.28 6.10 -14.23
C ASN B 275 -26.94 4.74 -14.36
N ASP B 276 -27.14 4.25 -15.59
CA ASP B 276 -27.71 2.94 -15.82
C ASP B 276 -26.65 2.02 -16.39
N PRO B 277 -26.05 1.13 -15.58
CA PRO B 277 -25.00 0.24 -16.10
C PRO B 277 -25.52 -0.81 -17.06
N THR B 278 -26.83 -0.99 -17.16
CA THR B 278 -27.38 -1.96 -18.12
C THR B 278 -27.44 -1.42 -19.53
N LYS B 279 -27.30 -0.11 -19.71
CA LYS B 279 -27.35 0.53 -21.02
C LYS B 279 -26.01 1.20 -21.29
N ASN B 280 -25.34 0.81 -22.36
CA ASN B 280 -24.06 1.40 -22.75
C ASN B 280 -24.34 2.76 -23.37
N MET B 281 -24.58 3.75 -22.50
CA MET B 281 -24.99 5.07 -22.92
C MET B 281 -23.96 6.16 -22.61
N LEU B 282 -22.72 5.78 -22.26
CA LEU B 282 -21.67 6.75 -22.02
C LEU B 282 -20.89 7.00 -23.33
N SER B 283 -19.96 7.96 -23.28
CA SER B 283 -19.16 8.28 -24.44
C SER B 283 -18.06 7.26 -24.71
N ASN B 284 -17.64 6.52 -23.69
CA ASN B 284 -16.55 5.54 -23.81
C ASN B 284 -15.27 6.19 -24.33
N LEU B 285 -15.04 7.45 -23.95
CA LEU B 285 -13.87 8.20 -24.41
C LEU B 285 -12.74 8.22 -23.39
N SER B 286 -12.93 7.62 -22.21
CA SER B 286 -11.90 7.67 -21.18
C SER B 286 -10.58 7.02 -21.59
N PRO B 287 -10.53 5.85 -22.25
CA PRO B 287 -9.22 5.32 -22.65
C PRO B 287 -8.48 6.22 -23.61
N TYR B 288 -9.19 6.87 -24.53
CA TYR B 288 -8.56 7.79 -25.46
C TYR B 288 -8.21 9.12 -24.80
N LEU B 289 -9.02 9.57 -23.85
CA LEU B 289 -8.73 10.82 -23.16
C LEU B 289 -7.53 10.69 -22.24
N HIS B 290 -7.40 9.56 -21.55
CA HIS B 290 -6.29 9.38 -20.62
C HIS B 290 -4.94 9.39 -21.34
N PHE B 291 -4.86 8.69 -22.48
CA PHE B 291 -3.62 8.64 -23.24
C PHE B 291 -3.43 9.85 -24.14
N GLY B 292 -4.39 10.78 -24.17
CA GLY B 292 -4.28 11.93 -25.04
C GLY B 292 -4.45 11.62 -26.51
N GLN B 293 -5.15 10.54 -26.83
CA GLN B 293 -5.41 10.20 -28.22
C GLN B 293 -6.51 11.04 -28.85
N ILE B 294 -7.24 11.81 -28.05
CA ILE B 294 -8.24 12.75 -28.55
C ILE B 294 -8.32 13.91 -27.57
N SER B 295 -8.55 15.11 -28.11
CA SER B 295 -8.61 16.30 -27.28
C SER B 295 -10.00 16.45 -26.67
N SER B 296 -10.05 16.71 -25.37
CA SER B 296 -11.33 17.01 -24.72
C SER B 296 -11.92 18.30 -25.29
N GLN B 297 -11.06 19.29 -25.58
CA GLN B 297 -11.53 20.54 -26.18
C GLN B 297 -12.19 20.27 -27.53
N ARG B 298 -11.64 19.32 -28.30
CA ARG B 298 -12.28 18.94 -29.56
C ARG B 298 -13.66 18.35 -29.33
N VAL B 299 -13.80 17.52 -28.30
CA VAL B 299 -15.10 16.94 -27.98
C VAL B 299 -16.09 18.03 -27.56
N VAL B 300 -15.62 19.02 -26.80
CA VAL B 300 -16.50 20.11 -26.38
C VAL B 300 -16.98 20.91 -27.59
N LEU B 301 -16.07 21.17 -28.54
CA LEU B 301 -16.46 21.92 -29.74
C LEU B 301 -17.49 21.16 -30.56
N GLU B 302 -17.34 19.83 -30.67
CA GLU B 302 -18.30 19.05 -31.44
C GLU B 302 -19.63 18.91 -30.73
N VAL B 303 -19.61 18.78 -29.41
CA VAL B 303 -20.86 18.67 -28.65
C VAL B 303 -21.63 19.98 -28.70
N GLU B 304 -20.93 21.11 -28.59
CA GLU B 304 -21.59 22.40 -28.57
C GLU B 304 -22.32 22.67 -29.89
N LYS B 305 -21.69 22.32 -31.01
CA LYS B 305 -22.33 22.50 -32.31
C LYS B 305 -23.48 21.52 -32.55
N ALA B 306 -23.59 20.47 -31.74
CA ALA B 306 -24.64 19.49 -31.93
C ALA B 306 -25.99 20.03 -31.47
N GLU B 307 -27.06 19.47 -32.05
CA GLU B 307 -28.43 19.83 -31.70
C GLU B 307 -29.06 18.63 -30.99
N SER B 308 -28.88 18.59 -29.67
CA SER B 308 -29.41 17.49 -28.86
C SER B 308 -30.16 18.04 -27.66
N ASN B 309 -30.51 17.17 -26.72
CA ASN B 309 -31.21 17.60 -25.51
C ASN B 309 -30.33 18.53 -24.70
N PRO B 310 -30.79 19.74 -24.38
CA PRO B 310 -29.95 20.65 -23.58
C PRO B 310 -29.60 20.10 -22.21
N GLY B 311 -30.51 19.36 -21.57
CA GLY B 311 -30.21 18.78 -20.27
C GLY B 311 -29.11 17.73 -20.35
N SER B 312 -29.13 16.90 -21.39
CA SER B 312 -28.06 15.91 -21.57
C SER B 312 -26.75 16.58 -21.94
N LYS B 313 -26.79 17.62 -22.78
CA LYS B 313 -25.56 18.32 -23.16
C LYS B 313 -24.91 18.98 -21.96
N LYS B 314 -25.71 19.60 -21.08
CA LYS B 314 -25.17 20.20 -19.88
C LYS B 314 -24.60 19.13 -18.93
N ALA B 315 -25.27 17.99 -18.82
CA ALA B 315 -24.80 16.93 -17.94
C ALA B 315 -23.46 16.37 -18.42
N PHE B 316 -23.32 16.17 -19.74
CA PHE B 316 -22.06 15.66 -20.27
C PHE B 316 -20.95 16.71 -20.18
N LEU B 317 -21.28 17.99 -20.33
CA LEU B 317 -20.28 19.04 -20.20
C LEU B 317 -19.73 19.10 -18.79
N ASP B 318 -20.60 18.91 -17.78
CA ASP B 318 -20.14 18.92 -16.40
C ASP B 318 -19.15 17.80 -16.12
N GLU B 319 -19.32 16.66 -16.80
CA GLU B 319 -18.42 15.53 -16.60
C GLU B 319 -17.04 15.79 -17.19
N ILE B 320 -16.99 16.30 -18.42
CA ILE B 320 -15.73 16.41 -19.14
C ILE B 320 -15.03 17.75 -18.94
N LEU B 321 -15.75 18.78 -18.47
CA LEU B 321 -15.12 20.06 -18.16
C LEU B 321 -14.87 20.23 -16.66
N ILE B 322 -15.93 20.15 -15.85
CA ILE B 322 -15.81 20.45 -14.42
C ILE B 322 -15.04 19.35 -13.71
N TRP B 323 -15.56 18.12 -13.76
CA TRP B 323 -14.99 17.04 -12.96
C TRP B 323 -13.69 16.50 -13.54
N LYS B 324 -13.55 16.49 -14.86
CA LYS B 324 -12.29 16.03 -15.46
C LYS B 324 -11.14 16.96 -15.10
N GLU B 325 -11.36 18.28 -15.20
CA GLU B 325 -10.30 19.24 -14.93
C GLU B 325 -10.13 19.54 -13.44
N ILE B 326 -11.15 19.28 -12.61
CA ILE B 326 -10.97 19.41 -11.17
C ILE B 326 -10.11 18.28 -10.63
N SER B 327 -10.03 17.16 -11.34
CA SER B 327 -9.10 16.09 -10.96
C SER B 327 -7.66 16.55 -11.15
N ASP B 328 -7.39 17.27 -12.25
CA ASP B 328 -6.07 17.87 -12.43
C ASP B 328 -5.79 18.91 -11.36
N ASN B 329 -6.82 19.69 -10.98
CA ASN B 329 -6.66 20.65 -9.89
C ASN B 329 -6.34 19.96 -8.58
N PHE B 330 -6.98 18.80 -8.33
CA PHE B 330 -6.73 18.08 -7.09
C PHE B 330 -5.31 17.55 -7.02
N CYS B 331 -4.83 16.94 -8.11
CA CYS B 331 -3.49 16.35 -8.10
C CYS B 331 -2.40 17.41 -8.17
N TYR B 332 -2.68 18.54 -8.84
CA TYR B 332 -1.65 19.57 -9.00
C TYR B 332 -1.34 20.25 -7.67
N TYR B 333 -2.36 20.52 -6.87
CA TYR B 333 -2.20 21.24 -5.61
C TYR B 333 -2.15 20.34 -4.40
N ASN B 334 -2.17 19.02 -4.58
CA ASN B 334 -2.03 18.06 -3.49
C ASN B 334 -1.04 16.99 -3.93
N PRO B 335 0.25 17.12 -3.57
CA PRO B 335 1.23 16.11 -3.97
C PRO B 335 0.90 14.72 -3.46
N GLY B 336 0.29 14.60 -2.29
CA GLY B 336 -0.10 13.29 -1.77
C GLY B 336 -1.52 12.92 -2.14
N TYR B 337 -1.87 13.08 -3.43
CA TYR B 337 -3.25 12.87 -3.86
C TYR B 337 -3.69 11.41 -3.75
N ASP B 338 -2.76 10.48 -3.62
CA ASP B 338 -3.08 9.06 -3.50
C ASP B 338 -2.91 8.55 -2.07
N GLY B 339 -3.05 9.45 -1.08
CA GLY B 339 -2.83 9.08 0.30
C GLY B 339 -3.96 9.57 1.20
N PHE B 340 -3.98 9.02 2.42
CA PHE B 340 -4.99 9.38 3.40
C PHE B 340 -4.89 10.84 3.82
N GLU B 341 -3.69 11.43 3.71
CA GLU B 341 -3.50 12.80 4.15
C GLU B 341 -4.24 13.80 3.26
N SER B 342 -4.45 13.46 1.98
CA SER B 342 -5.13 14.37 1.06
C SER B 342 -6.62 14.49 1.35
N PHE B 343 -7.17 13.64 2.20
CA PHE B 343 -8.60 13.70 2.50
C PHE B 343 -8.91 14.96 3.30
N PRO B 344 -10.15 15.46 3.22
CA PRO B 344 -10.53 16.61 4.04
C PRO B 344 -10.48 16.25 5.52
N SER B 345 -10.38 17.29 6.35
CA SER B 345 -10.19 17.09 7.79
C SER B 345 -11.37 16.36 8.42
N TRP B 346 -12.59 16.69 7.99
CA TRP B 346 -13.78 16.04 8.54
C TRP B 346 -13.79 14.56 8.21
N ALA B 347 -13.33 14.19 7.01
CA ALA B 347 -13.30 12.79 6.62
C ALA B 347 -12.23 12.01 7.38
N LYS B 348 -11.07 12.62 7.58
CA LYS B 348 -10.00 11.97 8.33
C LYS B 348 -10.42 11.71 9.78
N GLU B 349 -11.09 12.69 10.39
CA GLU B 349 -11.57 12.52 11.77
C GLU B 349 -12.58 11.40 11.86
N SER B 350 -13.54 11.36 10.93
CA SER B 350 -14.59 10.35 10.98
C SER B 350 -14.02 8.95 10.76
N LEU B 351 -13.11 8.80 9.79
CA LEU B 351 -12.53 7.49 9.52
C LEU B 351 -11.64 7.02 10.67
N ASN B 352 -10.95 7.94 11.34
CA ASN B 352 -10.09 7.56 12.46
C ASN B 352 -10.92 7.03 13.63
N ALA B 353 -12.09 7.62 13.87
CA ALA B 353 -12.91 7.21 15.00
C ALA B 353 -13.57 5.86 14.80
N HIS B 354 -13.63 5.36 13.56
CA HIS B 354 -14.24 4.08 13.26
C HIS B 354 -13.21 3.03 12.82
N ARG B 355 -11.94 3.25 13.14
CA ARG B 355 -10.90 2.29 12.77
C ARG B 355 -11.06 0.97 13.53
N ASN B 356 -11.58 1.01 14.75
CA ASN B 356 -11.78 -0.18 15.56
C ASN B 356 -13.15 -0.81 15.39
N ASP B 357 -14.01 -0.23 14.55
CA ASP B 357 -15.32 -0.81 14.31
C ASP B 357 -15.18 -2.17 13.64
N VAL B 358 -15.98 -3.13 14.10
CA VAL B 358 -15.91 -4.48 13.56
C VAL B 358 -16.50 -4.48 12.16
N ARG B 359 -15.68 -4.85 11.18
CA ARG B 359 -16.14 -4.93 9.80
C ARG B 359 -17.01 -6.16 9.61
N SER B 360 -18.08 -6.02 8.82
CA SER B 360 -18.94 -7.16 8.52
C SER B 360 -18.15 -8.26 7.80
N HIS B 361 -17.32 -7.87 6.83
CA HIS B 361 -16.46 -8.80 6.12
C HIS B 361 -15.09 -8.16 5.95
N ILE B 362 -14.06 -9.01 5.85
CA ILE B 362 -12.70 -8.57 5.59
C ILE B 362 -12.17 -9.39 4.43
N TYR B 363 -11.84 -8.72 3.33
CA TYR B 363 -11.34 -9.37 2.13
C TYR B 363 -9.94 -8.84 1.82
N THR B 364 -9.06 -9.76 1.41
CA THR B 364 -7.70 -9.39 1.06
C THR B 364 -7.65 -8.86 -0.38
N LEU B 365 -6.45 -8.45 -0.80
CA LEU B 365 -6.28 -7.95 -2.16
C LEU B 365 -6.57 -9.03 -3.19
N GLU B 366 -6.21 -10.27 -2.88
CA GLU B 366 -6.41 -11.38 -3.82
C GLU B 366 -7.89 -11.70 -3.97
N GLU B 367 -8.63 -11.70 -2.86
CA GLU B 367 -10.06 -11.98 -2.93
C GLU B 367 -10.81 -10.88 -3.67
N PHE B 368 -10.43 -9.61 -3.44
CA PHE B 368 -11.02 -8.52 -4.19
C PHE B 368 -10.68 -8.62 -5.68
N GLU B 369 -9.45 -9.01 -6.00
CA GLU B 369 -9.02 -9.05 -7.39
C GLU B 369 -9.76 -10.13 -8.17
N ALA B 370 -9.98 -11.30 -7.56
CA ALA B 370 -10.63 -12.41 -8.23
C ALA B 370 -12.15 -12.27 -8.27
N GLY B 371 -12.72 -11.27 -7.60
CA GLY B 371 -14.16 -11.14 -7.53
C GLY B 371 -14.80 -12.25 -6.73
N LYS B 372 -14.27 -12.52 -5.54
CA LYS B 372 -14.71 -13.63 -4.71
C LYS B 372 -15.27 -13.13 -3.38
N THR B 373 -16.10 -12.09 -3.43
CA THR B 373 -16.75 -11.56 -2.26
C THR B 373 -18.19 -12.06 -2.19
N HIS B 374 -18.85 -11.77 -1.05
CA HIS B 374 -20.23 -12.18 -0.85
C HIS B 374 -21.22 -11.33 -1.64
N ASP B 375 -20.78 -10.23 -2.23
CA ASP B 375 -21.67 -9.34 -2.97
C ASP B 375 -21.66 -9.72 -4.44
N PRO B 376 -22.74 -10.28 -5.00
CA PRO B 376 -22.77 -10.54 -6.44
C PRO B 376 -22.65 -9.27 -7.28
N LEU B 377 -23.21 -8.16 -6.81
CA LEU B 377 -23.11 -6.92 -7.57
C LEU B 377 -21.67 -6.41 -7.63
N TRP B 378 -20.97 -6.45 -6.51
CA TRP B 378 -19.55 -6.07 -6.51
C TRP B 378 -18.73 -7.03 -7.36
N ASN B 379 -19.05 -8.33 -7.28
CA ASN B 379 -18.36 -9.30 -8.14
C ASN B 379 -18.61 -9.02 -9.60
N ALA B 380 -19.83 -8.62 -9.95
CA ALA B 380 -20.14 -8.25 -11.32
C ALA B 380 -19.33 -7.03 -11.75
N SER B 381 -19.19 -6.04 -10.87
CA SER B 381 -18.42 -4.85 -11.20
C SER B 381 -16.96 -5.18 -11.45
N GLN B 382 -16.38 -6.06 -10.63
CA GLN B 382 -14.99 -6.48 -10.84
C GLN B 382 -14.85 -7.31 -12.11
N MET B 383 -15.87 -8.12 -12.43
CA MET B 383 -15.81 -8.93 -13.65
C MET B 383 -15.85 -8.07 -14.89
N GLU B 384 -16.65 -7.00 -14.87
CA GLU B 384 -16.65 -6.05 -15.98
C GLU B 384 -15.30 -5.37 -16.11
N LEU B 385 -14.68 -5.03 -14.99
CA LEU B 385 -13.35 -4.42 -15.01
C LEU B 385 -12.31 -5.39 -15.57
N LEU B 386 -12.37 -6.66 -15.15
CA LEU B 386 -11.36 -7.62 -15.58
C LEU B 386 -11.53 -7.99 -17.05
N SER B 387 -12.77 -8.12 -17.52
CA SER B 387 -13.03 -8.59 -18.87
C SER B 387 -12.94 -7.49 -19.92
N THR B 388 -13.52 -6.31 -19.65
CA THR B 388 -13.56 -5.23 -20.63
C THR B 388 -12.53 -4.15 -20.39
N GLY B 389 -11.99 -4.04 -19.17
CA GLY B 389 -11.00 -3.02 -18.87
C GLY B 389 -11.57 -1.63 -18.68
N LYS B 390 -12.90 -1.49 -18.63
CA LYS B 390 -13.53 -0.19 -18.42
C LYS B 390 -14.83 -0.43 -17.65
N MET B 391 -14.81 -0.20 -16.35
CA MET B 391 -15.99 -0.34 -15.52
C MET B 391 -16.93 0.84 -15.73
N HIS B 392 -18.22 0.59 -15.50
CA HIS B 392 -19.22 1.63 -15.65
C HIS B 392 -19.00 2.73 -14.60
N GLY B 393 -19.34 3.96 -14.99
CA GLY B 393 -19.08 5.10 -14.12
C GLY B 393 -19.82 5.04 -12.79
N TYR B 394 -21.05 4.53 -12.80
CA TYR B 394 -21.82 4.45 -11.57
C TYR B 394 -21.33 3.32 -10.67
N THR B 395 -21.04 2.15 -11.25
CA THR B 395 -20.61 1.01 -10.45
C THR B 395 -19.23 1.20 -9.84
N ARG B 396 -18.45 2.13 -10.36
CA ARG B 396 -17.07 2.33 -9.85
C ARG B 396 -17.17 2.91 -8.44
N MET B 397 -18.22 3.70 -8.21
CA MET B 397 -18.44 4.23 -6.87
C MET B 397 -18.78 3.11 -5.90
N TYR B 398 -19.77 2.29 -6.24
CA TYR B 398 -20.12 1.15 -5.40
C TYR B 398 -18.95 0.19 -5.25
N TRP B 399 -18.16 0.04 -6.31
CA TRP B 399 -16.97 -0.81 -6.23
C TRP B 399 -15.96 -0.26 -5.24
N ALA B 400 -15.77 1.06 -5.21
CA ALA B 400 -14.76 1.65 -4.33
C ALA B 400 -15.25 1.77 -2.90
N LYS B 401 -16.51 2.19 -2.69
CA LYS B 401 -17.03 2.35 -1.34
C LYS B 401 -17.20 1.03 -0.61
N LYS B 402 -17.36 -0.09 -1.34
CA LYS B 402 -17.44 -1.39 -0.70
C LYS B 402 -16.07 -1.92 -0.29
N ILE B 403 -15.02 -1.56 -1.02
CA ILE B 403 -13.67 -1.92 -0.60
C ILE B 403 -13.35 -1.30 0.75
N LEU B 404 -13.77 -0.05 0.95
CA LEU B 404 -13.61 0.59 2.26
C LEU B 404 -14.39 -0.14 3.34
N GLU B 405 -15.59 -0.62 3.00
CA GLU B 405 -16.44 -1.29 4.00
C GLU B 405 -15.88 -2.65 4.38
N TRP B 406 -15.16 -3.32 3.48
CA TRP B 406 -14.73 -4.69 3.70
C TRP B 406 -13.21 -4.82 3.80
N SER B 407 -12.54 -3.77 4.26
CA SER B 407 -11.11 -3.80 4.51
C SER B 407 -10.85 -3.37 5.95
N GLU B 408 -9.69 -3.80 6.47
CA GLU B 408 -9.41 -3.63 7.89
C GLU B 408 -9.08 -2.19 8.26
N SER B 409 -8.72 -1.35 7.29
CA SER B 409 -8.33 0.02 7.60
C SER B 409 -8.60 0.89 6.39
N PRO B 410 -8.80 2.20 6.58
CA PRO B 410 -8.95 3.10 5.43
C PRO B 410 -7.73 3.12 4.53
N GLU B 411 -6.53 2.99 5.09
CA GLU B 411 -5.32 3.00 4.26
C GLU B 411 -5.26 1.78 3.34
N LYS B 412 -5.61 0.61 3.86
CA LYS B 412 -5.61 -0.59 3.03
C LYS B 412 -6.66 -0.50 1.93
N ALA B 413 -7.81 0.11 2.22
CA ALA B 413 -8.82 0.32 1.20
C ALA B 413 -8.29 1.21 0.09
N LEU B 414 -7.56 2.26 0.45
CA LEU B 414 -6.95 3.12 -0.56
C LEU B 414 -5.93 2.34 -1.38
N GLU B 415 -5.12 1.49 -0.73
N GLU B 415 -5.12 1.49 -0.73
CA GLU B 415 -4.14 0.70 -1.45
CA GLU B 415 -4.14 0.70 -1.45
C GLU B 415 -4.80 -0.29 -2.40
C GLU B 415 -4.80 -0.29 -2.40
N ILE B 416 -5.84 -0.98 -1.92
CA ILE B 416 -6.52 -1.98 -2.76
C ILE B 416 -7.24 -1.31 -3.92
N ALA B 417 -7.91 -0.17 -3.66
CA ALA B 417 -8.64 0.51 -4.71
C ALA B 417 -7.71 1.04 -5.80
N ILE B 418 -6.59 1.65 -5.40
CA ILE B 418 -5.66 2.22 -6.38
C ILE B 418 -4.98 1.10 -7.17
N CYS B 419 -4.57 0.02 -6.48
CA CYS B 419 -3.86 -1.06 -7.16
C CYS B 419 -4.73 -1.69 -8.24
N LEU B 420 -6.00 -1.96 -7.92
CA LEU B 420 -6.88 -2.56 -8.92
C LEU B 420 -7.28 -1.56 -10.00
N ASN B 421 -7.40 -0.29 -9.65
CA ASN B 421 -7.76 0.73 -10.64
C ASN B 421 -6.61 0.97 -11.61
N ASP B 422 -5.39 1.13 -11.10
CA ASP B 422 -4.26 1.44 -11.96
C ASP B 422 -3.79 0.24 -12.78
N ARG B 423 -4.17 -0.98 -12.40
CA ARG B 423 -3.72 -2.18 -13.10
C ARG B 423 -4.68 -2.63 -14.18
N TYR B 424 -5.98 -2.51 -13.95
CA TYR B 424 -6.98 -3.12 -14.82
C TYR B 424 -7.80 -2.12 -15.63
N GLU B 425 -7.87 -0.86 -15.21
CA GLU B 425 -8.63 0.14 -15.96
C GLU B 425 -7.80 0.65 -17.14
N LEU B 426 -8.41 0.68 -18.32
CA LEU B 426 -7.74 1.26 -19.49
C LEU B 426 -7.51 2.75 -19.33
N ASP B 427 -8.29 3.41 -18.46
CA ASP B 427 -8.10 4.82 -18.15
C ASP B 427 -7.43 5.05 -16.81
N GLY B 428 -6.79 4.02 -16.26
CA GLY B 428 -6.17 4.12 -14.97
C GLY B 428 -4.87 4.91 -15.02
N ARG B 429 -4.23 5.02 -13.85
CA ARG B 429 -3.02 5.82 -13.68
C ARG B 429 -3.26 7.25 -14.14
N ASP B 430 -4.42 7.79 -13.78
CA ASP B 430 -4.91 9.07 -14.25
C ASP B 430 -5.34 9.92 -13.07
N PRO B 431 -5.25 11.25 -13.19
CA PRO B 431 -5.78 12.12 -12.12
C PRO B 431 -7.25 11.90 -11.86
N ASN B 432 -8.04 11.53 -12.88
CA ASN B 432 -9.44 11.20 -12.65
C ASN B 432 -9.57 9.98 -11.75
N GLY B 433 -8.66 9.01 -11.89
CA GLY B 433 -8.71 7.83 -11.03
C GLY B 433 -8.42 8.14 -9.58
N TYR B 434 -7.40 8.97 -9.32
CA TYR B 434 -7.06 9.29 -7.94
C TYR B 434 -8.07 10.24 -7.32
N ALA B 435 -8.67 11.13 -8.12
CA ALA B 435 -9.72 11.99 -7.61
C ALA B 435 -11.03 11.23 -7.40
N GLY B 436 -11.33 10.30 -8.31
CA GLY B 436 -12.54 9.49 -8.15
C GLY B 436 -12.48 8.57 -6.94
N ILE B 437 -11.34 7.91 -6.73
CA ILE B 437 -11.19 7.04 -5.57
C ILE B 437 -11.20 7.87 -4.29
N ALA B 438 -10.54 9.02 -4.31
CA ALA B 438 -10.56 9.90 -3.15
C ALA B 438 -11.97 10.42 -2.87
N TRP B 439 -12.78 10.62 -3.91
CA TRP B 439 -14.16 11.01 -3.70
C TRP B 439 -14.96 9.91 -3.03
N SER B 440 -14.74 8.66 -3.44
CA SER B 440 -15.53 7.55 -2.92
C SER B 440 -15.06 7.07 -1.55
N ILE B 441 -13.76 7.16 -1.27
CA ILE B 441 -13.20 6.65 -0.03
C ILE B 441 -12.95 7.78 0.97
N GLY B 442 -12.38 8.90 0.52
CA GLY B 442 -12.09 10.02 1.37
C GLY B 442 -13.06 11.18 1.29
N GLY B 443 -14.07 11.12 0.43
CA GLY B 443 -15.06 12.18 0.37
C GLY B 443 -14.54 13.50 -0.17
N VAL B 444 -13.40 13.50 -0.86
CA VAL B 444 -12.90 14.71 -1.48
C VAL B 444 -13.85 15.16 -2.59
N HIS B 445 -14.09 16.47 -2.65
CA HIS B 445 -15.09 17.08 -3.53
C HIS B 445 -16.51 16.65 -3.19
N ASP B 446 -16.72 16.06 -2.01
CA ASP B 446 -18.03 15.64 -1.53
C ASP B 446 -18.31 16.29 -0.19
N ARG B 447 -19.46 15.95 0.39
CA ARG B 447 -19.84 16.45 1.71
C ARG B 447 -20.16 15.28 2.62
N ALA B 448 -20.36 15.59 3.90
CA ALA B 448 -20.59 14.57 4.91
C ALA B 448 -22.02 14.05 4.84
N TRP B 449 -22.20 12.85 5.38
CA TRP B 449 -23.51 12.20 5.44
C TRP B 449 -23.65 11.55 6.80
N GLY B 450 -24.77 10.85 7.00
CA GLY B 450 -25.06 10.22 8.28
C GLY B 450 -23.97 9.29 8.76
N GLU B 451 -23.59 9.43 10.03
CA GLU B 451 -22.48 8.65 10.57
C GLU B 451 -22.90 7.20 10.76
N ARG B 452 -22.14 6.29 10.17
CA ARG B 452 -22.37 4.85 10.28
C ARG B 452 -21.12 4.17 10.82
N GLU B 453 -21.23 2.86 11.05
CA GLU B 453 -20.07 2.10 11.47
C GLU B 453 -19.09 1.95 10.31
N VAL B 454 -17.81 1.79 10.65
CA VAL B 454 -16.74 1.58 9.68
C VAL B 454 -16.61 2.77 8.74
N THR B 455 -17.63 2.99 7.91
CA THR B 455 -17.56 4.05 6.91
C THR B 455 -17.69 5.45 7.49
N GLY B 456 -18.23 5.58 8.69
CA GLY B 456 -18.33 6.89 9.32
C GLY B 456 -19.29 7.80 8.58
N LYS B 457 -18.84 9.02 8.31
CA LYS B 457 -19.67 10.03 7.65
C LYS B 457 -19.50 10.05 6.14
N ILE B 458 -18.70 9.15 5.57
CA ILE B 458 -18.54 9.08 4.12
C ILE B 458 -19.86 8.64 3.48
N ARG B 459 -20.10 9.10 2.25
CA ARG B 459 -21.32 8.75 1.55
C ARG B 459 -21.45 7.23 1.41
N TYR B 460 -22.61 6.72 1.78
CA TYR B 460 -22.85 5.28 1.84
C TYR B 460 -23.72 4.84 0.67
N MET B 461 -23.34 3.72 0.07
CA MET B 461 -24.12 3.08 -0.98
C MET B 461 -24.42 1.64 -0.58
N SER B 462 -25.66 1.21 -0.78
CA SER B 462 -26.10 -0.11 -0.37
C SER B 462 -26.54 -0.93 -1.58
N TYR B 463 -26.58 -2.25 -1.39
CA TYR B 463 -27.06 -3.13 -2.43
C TYR B 463 -28.54 -2.88 -2.74
N GLU B 464 -29.33 -2.58 -1.71
CA GLU B 464 -30.74 -2.27 -1.92
C GLU B 464 -30.91 -0.93 -2.64
N GLY B 465 -29.95 -0.01 -2.49
CA GLY B 465 -30.04 1.24 -3.21
C GLY B 465 -29.95 1.06 -4.71
N CYS B 466 -29.00 0.23 -5.16
CA CYS B 466 -28.87 -0.04 -6.59
C CYS B 466 -30.10 -0.72 -7.16
N LYS B 467 -30.93 -1.35 -6.31
CA LYS B 467 -32.15 -2.00 -6.78
C LYS B 467 -33.13 -1.00 -7.37
N ARG B 468 -33.32 0.14 -6.69
CA ARG B 468 -34.35 1.08 -7.10
CA ARG B 468 -34.32 1.12 -7.06
C ARG B 468 -33.93 1.97 -8.25
N LYS B 469 -32.68 1.90 -8.72
CA LYS B 469 -32.23 2.76 -9.81
C LYS B 469 -32.00 2.04 -11.13
N PHE B 470 -31.66 0.76 -11.11
CA PHE B 470 -31.40 0.05 -12.37
C PHE B 470 -31.61 -1.44 -12.16
N ASP B 471 -31.69 -2.17 -13.28
CA ASP B 471 -31.87 -3.62 -13.27
C ASP B 471 -30.56 -4.27 -12.85
N VAL B 472 -30.46 -4.60 -11.56
CA VAL B 472 -29.22 -5.17 -11.04
C VAL B 472 -29.01 -6.59 -11.56
N LYS B 473 -30.07 -7.38 -11.66
CA LYS B 473 -29.94 -8.75 -12.13
C LYS B 473 -29.39 -8.80 -13.55
N LEU B 474 -29.79 -7.85 -14.39
CA LEU B 474 -29.25 -7.78 -15.75
C LEU B 474 -27.74 -7.51 -15.72
N TYR B 475 -27.30 -6.64 -14.82
CA TYR B 475 -25.87 -6.34 -14.72
C TYR B 475 -25.07 -7.53 -14.22
N ILE B 476 -25.62 -8.28 -13.26
CA ILE B 476 -24.92 -9.44 -12.72
C ILE B 476 -24.85 -10.55 -13.77
N GLU B 477 -25.94 -10.78 -14.51
CA GLU B 477 -25.95 -11.83 -15.52
C GLU B 477 -25.04 -11.50 -16.69
N LYS B 478 -24.91 -10.22 -17.04
CA LYS B 478 -24.08 -9.84 -18.18
C LYS B 478 -22.60 -10.10 -17.92
N TYR B 479 -22.19 -10.11 -16.65
CA TYR B 479 -20.80 -10.31 -16.27
C TYR B 479 -20.70 -11.41 -15.22
N SER B 480 -21.38 -12.53 -15.47
CA SER B 480 -21.35 -13.67 -14.58
C SER B 480 -20.05 -14.46 -14.75
PA FAD G . 18.36 -8.92 19.46
O1A FAD G . 18.82 -10.22 20.00
O2A FAD G . 19.35 -7.76 19.57
O5B FAD G . 16.99 -8.51 20.09
C5B FAD G . 16.42 -9.25 21.19
C4B FAD G . 14.91 -9.15 21.08
O4B FAD G . 14.49 -7.84 21.48
C3B FAD G . 14.35 -9.35 19.68
O3B FAD G . 14.16 -10.73 19.39
C2B FAD G . 13.03 -8.58 19.76
O2B FAD G . 11.98 -9.31 20.38
C1B FAD G . 13.44 -7.39 20.64
N9A FAD G . 13.92 -6.23 19.89
C8A FAD G . 15.20 -5.98 19.49
N7A FAD G . 15.34 -4.86 18.83
C5A FAD G . 14.07 -4.33 18.80
C6A FAD G . 13.54 -3.15 18.25
N6A FAD G . 14.28 -2.24 17.58
N1A FAD G . 12.21 -2.91 18.40
C2A FAD G . 11.48 -3.81 19.05
N3A FAD G . 11.86 -4.96 19.61
C4A FAD G . 13.17 -5.16 19.45
N1 FAD G . 11.38 -7.16 14.82
C2 FAD G . 10.50 -8.18 14.65
O2 FAD G . 10.25 -8.98 15.69
N3 FAD G . 9.84 -8.31 13.52
C4 FAD G . 10.09 -7.48 12.53
O4 FAD G . 9.41 -7.71 11.39
C4X FAD G . 11.06 -6.51 12.62
N5 FAD G . 11.32 -5.80 11.52
C5X FAD G . 11.98 -4.66 11.84
C6 FAD G . 11.95 -3.65 10.89
C7 FAD G . 12.70 -2.48 11.05
C7M FAD G . 12.74 -1.39 9.95
C8 FAD G . 13.38 -2.27 12.26
C8M FAD G . 14.16 -0.93 12.51
C9 FAD G . 13.31 -3.23 13.26
C9A FAD G . 12.67 -4.49 13.06
N10 FAD G . 12.66 -5.42 13.97
C10 FAD G . 11.76 -6.36 13.80
C1' FAD G . 13.07 -5.09 15.36
C2' FAD G . 14.46 -5.60 15.70
O2' FAD G . 15.40 -5.15 14.72
C3' FAD G . 14.44 -7.13 15.70
O3' FAD G . 13.73 -7.58 16.84
C4' FAD G . 15.82 -7.80 15.68
O4' FAD G . 16.55 -7.33 14.54
C5' FAD G . 15.71 -9.31 15.65
O5' FAD G . 17.02 -9.88 15.83
P FAD G . 17.49 -10.41 17.24
O1P FAD G . 16.32 -10.97 18.05
O2P FAD G . 18.62 -11.36 17.09
O3P FAD G . 17.98 -9.07 17.93
S SO4 H . 10.08 -18.20 -0.01
O1 SO4 H . 9.65 -17.57 1.24
O2 SO4 H . 9.07 -17.98 -1.03
O3 SO4 H . 11.34 -17.61 -0.45
O4 SO4 H . 10.26 -19.63 0.20
PA FAD I . -18.56 9.50 -19.64
O1A FAD I . -18.63 9.45 -21.13
O2A FAD I . -19.88 9.79 -18.95
O5B FAD I . -17.46 10.52 -19.17
C5B FAD I . -17.16 11.70 -19.93
C4B FAD I . -15.77 12.14 -19.59
O4B FAD I . -15.81 13.05 -18.47
C3B FAD I . -14.82 11.02 -19.17
O3B FAD I . -14.14 10.48 -20.30
C2B FAD I . -13.86 11.73 -18.21
O2B FAD I . -12.83 12.42 -18.90
C1B FAD I . -14.81 12.72 -17.52
N9A FAD I . -15.46 12.20 -16.33
C8A FAD I . -16.64 11.51 -16.26
N7A FAD I . -16.99 11.16 -15.05
C5A FAD I . -15.96 11.65 -14.25
C6A FAD I . -15.72 11.61 -12.87
N6A FAD I . -16.55 11.03 -11.99
N1A FAD I . -14.60 12.20 -12.40
C2A FAD I . -13.77 12.77 -13.28
N3A FAD I . -13.89 12.87 -14.61
C4A FAD I . -15.01 12.29 -15.03
N1 FAD I . -11.77 8.11 -14.82
C2 FAD I . -10.64 7.88 -15.55
O2 FAD I . -10.43 8.46 -16.62
N3 FAD I . -9.71 6.97 -15.09
C4 FAD I . -9.78 6.25 -13.93
O4 FAD I . -8.88 5.46 -13.62
C4X FAD I . -10.99 6.50 -13.15
N5 FAD I . -11.14 5.86 -12.03
C5X FAD I . -12.29 6.10 -11.29
C6 FAD I . -12.47 5.42 -10.09
C7 FAD I . -13.61 5.63 -9.32
C7M FAD I . -13.78 4.88 -8.02
C8 FAD I . -14.59 6.55 -9.75
C8M FAD I . -15.83 6.81 -8.92
C9 FAD I . -14.40 7.24 -10.94
C9A FAD I . -13.26 7.02 -11.72
N10 FAD I . -13.05 7.69 -12.94
C10 FAD I . -11.93 7.46 -13.68
C1' FAD I . -14.04 8.67 -13.45
C2' FAD I . -15.18 8.03 -14.22
O2' FAD I . -15.56 6.78 -13.65
C3' FAD I . -14.77 7.81 -15.68
O3' FAD I . -14.39 9.06 -16.24
C4' FAD I . -15.86 7.18 -16.55
O4' FAD I . -16.51 6.15 -15.81
C5' FAD I . -15.30 6.62 -17.84
O5' FAD I . -16.40 6.26 -18.71
P FAD I . -16.91 7.23 -19.83
O1P FAD I . -15.78 8.15 -20.27
O2P FAD I . -17.56 6.46 -20.92
O3P FAD I . -18.00 8.12 -19.08
#